data_9ITE
#
_entry.id   9ITE
#
loop_
_entity.id
_entity.type
_entity.pdbx_description
1 polymer 'engineered miniGa13'
2 polymer 'Guanine nucleotide-binding protein G(I)/G(S)/G(T) subunit beta-1'
3 polymer scFv16
4 polymer 'Guanine nucleotide-binding protein G(I)/G(S)/G(O) subunit gamma-2'
5 polymer 'Lysophosphatidic acid receptor 6'
6 non-polymer '(2R)-2-hydroxy-3-(phosphonooxy)propyl (9E)-octadec-9-enoate'
7 non-polymer CHOLESTEROL
8 non-polymer 'PALMITIC ACID'
#
loop_
_entity_poly.entity_id
_entity_poly.type
_entity_poly.pdbx_seq_one_letter_code
_entity_poly.pdbx_strand_id
1 'polypeptide(L)'
;MGSTVSAEDKAAAERSKEIDKCLSREKTYVKRLVKILLLGADNSGKSTFLKQMRIIHGGSGGSGGTKGIHEYDFEIKNVP
FKMVDVGGQRSERKRWFECFDSVTSILFLVDSSDFNRLTESLNDFETIVNNRVFSNVSIILFLNKTDLLEEKVQIVSIKD
YFLEFEGDPHCLRDVQKFLVECFRNKRRDQQQKPLYHHFTTAINTENARLIFRDVKDTILHDNLKQLMLQ
;
A
2 'polypeptide(L)'
;MGSLLQSELDQLRQEAEQLKNQIRDARKACADATLSQITNNIDPVGRIQMRTRRTLRGHLAKIYAMHWGTDSRLLVSASQ
DGKLIIWDSYTTNKVHAIPLRSSWVMTCAYAPSGNYVACGGLDNICSIYNLKTREGNVRVSRELAGHTGYLSCCRFLDDN
QIVTSSGDTTCALWDIETGQQTTTFTGHTGDVMSLSLAPDTRLFVSGACDASAKLWDVREGMCRQTFTGHESDINAICFF
PNGNAFATGSDDATCRLFDLRADQELMTYSHDNIICGITSVSFSKSGRLLLAGYDDFNCNVWDALKADRAGVLAGHDNRV
SCLGVTDDGMAVATGSWDSFLKIWN
;
B
3 'polypeptide(L)'
;VQLVESGGGLVQPGGSRKLSCSASGFAFSSFGMHWVRQAPEKGLEWVAYISSGSGTIYYADTVKGRFTISRDDPKNTLFL
QMTSLRSEDTAMYYCVRSIYYYGSSPFDFWGQGTTLTVSAGGGGSGGGGSGGGGSADIVMTQATSSVPVTPGESVSISCR
SSKSLLHSNGNTYLYWFLQRPGQSPQLLIYRMSNLASGVPDRFSGSGSGTAFTLTISRLEAEDVGVYYCMQHLEYPLTFG
AGTKLEL
;
E
4 'polypeptide(L)' MASNNTASIAQARKLVEQLKMEANIDRIKVSKAAADLMAYCEAHAKEDPLLTPVPASENPFREKKFFCAIL G
5 'polypeptide(L)'
;MVSVNSSHCFYNDSFKYTLYGCMFSMVFVLGLISNCVAIYIFACVLKVRNETTTYMINLAMSDLLFVFTLPFRIFYFTTR
NWPFGDLLCKISVMLFYTNMYGSILFLTCISVDRFLAIVYPFKSKTLRTKRNAKIVCTGVWLTVIGGSAPAVFVQSTHSQ
GNNASRACFENFPEATWKTYLSRIVIFIEIVGFFIPLILNVTCSSMVLKTLTKPVTLSRSKINKTKVLKMIFVHLIIFCF
CFVPYNINLILYSLVRTQTFVNCSVVAAVRTMYPITLCIAVSNCCFDPIVYYFTSDTIQNS
;
R
#
loop_
_chem_comp.id
_chem_comp.type
_chem_comp.name
_chem_comp.formula
CLR non-polymer CHOLESTEROL 'C27 H46 O'
NKP non-polymer '(2R)-2-hydroxy-3-(phosphonooxy)propyl (9E)-octadec-9-enoate' 'C21 H41 O7 P'
PLM non-polymer 'PALMITIC ACID' 'C16 H32 O2'
#
# COMPACT_ATOMS: atom_id res chain seq x y z
N VAL A 5 23.77 -2.65 -16.12
CA VAL A 5 23.68 -2.90 -14.68
C VAL A 5 24.95 -3.60 -14.20
N SER A 6 25.58 -3.01 -13.19
CA SER A 6 26.80 -3.57 -12.62
C SER A 6 26.45 -4.62 -11.56
N ALA A 7 27.49 -5.15 -10.90
CA ALA A 7 27.29 -6.26 -9.97
C ALA A 7 26.59 -5.80 -8.70
N GLU A 8 27.02 -4.66 -8.15
CA GLU A 8 26.46 -4.19 -6.88
C GLU A 8 24.99 -3.83 -7.03
N ASP A 9 24.60 -3.32 -8.19
CA ASP A 9 23.18 -3.05 -8.44
C ASP A 9 22.37 -4.33 -8.46
N LYS A 10 22.92 -5.41 -9.03
CA LYS A 10 22.23 -6.70 -9.01
C LYS A 10 22.06 -7.21 -7.58
N ALA A 11 23.10 -7.07 -6.76
CA ALA A 11 23.00 -7.51 -5.37
C ALA A 11 21.94 -6.71 -4.62
N ALA A 12 21.90 -5.40 -4.84
CA ALA A 12 20.87 -4.58 -4.20
C ALA A 12 19.47 -5.00 -4.65
N ALA A 13 19.31 -5.31 -5.93
CA ALA A 13 18.01 -5.78 -6.42
C ALA A 13 17.59 -7.07 -5.73
N GLU A 14 18.55 -7.98 -5.53
CA GLU A 14 18.22 -9.23 -4.83
C GLU A 14 17.79 -8.96 -3.40
N ARG A 15 18.47 -8.02 -2.72
CA ARG A 15 18.06 -7.66 -1.37
C ARG A 15 16.64 -7.12 -1.34
N SER A 16 16.29 -6.28 -2.31
CA SER A 16 14.94 -5.75 -2.40
C SER A 16 13.92 -6.87 -2.60
N LYS A 17 14.25 -7.86 -3.44
CA LYS A 17 13.34 -8.97 -3.66
C LYS A 17 13.12 -9.79 -2.39
N GLU A 18 14.16 -9.97 -1.58
CA GLU A 18 13.98 -10.66 -0.30
C GLU A 18 13.03 -9.91 0.63
N ILE A 19 13.20 -8.59 0.71
CA ILE A 19 12.26 -7.80 1.52
C ILE A 19 10.84 -7.96 1.02
N ASP A 20 10.66 -7.97 -0.31
CA ASP A 20 9.34 -8.16 -0.89
C ASP A 20 8.76 -9.51 -0.51
N LYS A 21 9.60 -10.56 -0.49
CA LYS A 21 9.12 -11.87 -0.10
C LYS A 21 8.59 -11.87 1.33
N CYS A 22 9.30 -11.21 2.25
CA CYS A 22 8.81 -11.14 3.62
C CYS A 22 7.46 -10.40 3.71
N LEU A 23 7.34 -9.28 3.00
CA LEU A 23 6.07 -8.54 3.04
C LEU A 23 4.92 -9.37 2.48
N SER A 24 5.16 -10.07 1.38
CA SER A 24 4.11 -10.94 0.82
C SER A 24 3.81 -12.13 1.72
N ARG A 25 4.77 -12.55 2.54
CA ARG A 25 4.47 -13.56 3.55
C ARG A 25 3.47 -13.02 4.58
N GLU A 26 3.68 -11.79 5.04
CA GLU A 26 2.80 -11.25 6.08
C GLU A 26 1.42 -10.84 5.55
N LYS A 27 1.32 -10.50 4.27
CA LYS A 27 0.05 -10.00 3.72
C LYS A 27 -1.09 -11.00 3.91
N THR A 28 -0.79 -12.30 3.81
CA THR A 28 -1.84 -13.31 3.87
C THR A 28 -2.56 -13.28 5.22
N TYR A 29 -1.80 -13.23 6.31
CA TYR A 29 -2.41 -13.11 7.62
C TYR A 29 -3.09 -11.76 7.79
N VAL A 30 -2.46 -10.69 7.28
CA VAL A 30 -3.03 -9.35 7.48
C VAL A 30 -4.41 -9.26 6.85
N LYS A 31 -4.62 -9.90 5.70
CA LYS A 31 -5.88 -9.78 4.97
C LYS A 31 -6.96 -10.76 5.45
N ARG A 32 -6.86 -11.31 6.66
CA ARG A 32 -7.80 -12.32 7.11
C ARG A 32 -8.27 -12.09 8.54
N LEU A 33 -7.91 -10.98 9.16
CA LEU A 33 -8.19 -10.72 10.57
C LEU A 33 -9.49 -9.95 10.74
N VAL A 34 -10.17 -10.18 11.87
CA VAL A 34 -11.40 -9.46 12.19
C VAL A 34 -11.17 -8.62 13.44
N LYS A 35 -11.43 -7.32 13.34
CA LYS A 35 -11.20 -6.37 14.41
C LYS A 35 -12.53 -5.95 15.04
N ILE A 36 -12.55 -5.81 16.36
CA ILE A 36 -13.74 -5.42 17.10
C ILE A 36 -13.34 -4.38 18.14
N LEU A 37 -14.12 -3.31 18.25
CA LEU A 37 -13.80 -2.21 19.15
C LEU A 37 -14.66 -2.30 20.41
N LEU A 38 -14.01 -2.35 21.57
CA LEU A 38 -14.69 -2.57 22.84
C LEU A 38 -14.92 -1.26 23.56
N LEU A 39 -16.14 -1.06 24.08
CA LEU A 39 -16.48 0.14 24.82
C LEU A 39 -17.34 -0.21 26.03
N GLY A 40 -17.09 0.49 27.13
CA GLY A 40 -17.80 0.23 28.37
C GLY A 40 -17.62 1.38 29.34
N ALA A 41 -18.24 1.23 30.50
CA ALA A 41 -18.23 2.25 31.54
C ALA A 41 -17.20 1.88 32.61
N ASP A 42 -17.16 2.68 33.68
CA ASP A 42 -16.16 2.49 34.73
C ASP A 42 -16.48 1.28 35.61
N ASN A 43 -17.76 1.10 35.96
CA ASN A 43 -18.16 0.07 36.91
C ASN A 43 -18.76 -1.16 36.24
N SER A 44 -18.84 -1.20 34.92
CA SER A 44 -19.31 -2.40 34.23
C SER A 44 -18.30 -3.52 34.40
N GLY A 45 -18.77 -4.76 34.29
CA GLY A 45 -17.92 -5.91 34.51
C GLY A 45 -16.95 -6.16 33.37
N LYS A 46 -16.19 -5.14 32.99
CA LYS A 46 -15.27 -5.24 31.87
C LYS A 46 -14.12 -6.19 32.18
N SER A 47 -13.50 -6.04 33.35
CA SER A 47 -12.34 -6.86 33.69
C SER A 47 -12.74 -8.33 33.82
N THR A 48 -13.85 -8.61 34.49
CA THR A 48 -14.33 -9.99 34.58
C THR A 48 -14.73 -10.53 33.23
N PHE A 49 -15.31 -9.69 32.36
CA PHE A 49 -15.66 -10.12 31.01
C PHE A 49 -14.43 -10.58 30.25
N LEU A 50 -13.34 -9.80 30.33
CA LEU A 50 -12.10 -10.21 29.67
C LEU A 50 -11.51 -11.46 30.32
N LYS A 51 -11.54 -11.53 31.65
CA LYS A 51 -10.83 -12.60 32.35
C LYS A 51 -11.52 -13.95 32.17
N GLN A 52 -12.84 -14.00 32.34
CA GLN A 52 -13.57 -15.26 32.35
C GLN A 52 -13.78 -15.84 30.96
N MET A 53 -13.18 -15.24 29.92
CA MET A 53 -13.22 -15.78 28.57
C MET A 53 -11.81 -16.22 28.14
N ARG A 54 -10.92 -16.44 29.12
CA ARG A 54 -9.54 -16.92 28.92
C ARG A 54 -8.80 -16.09 27.87
N ILE A 55 -9.02 -14.78 27.90
CA ILE A 55 -8.28 -13.87 27.03
C ILE A 55 -7.65 -12.75 27.86
N GLY A 68 -3.32 2.92 28.44
CA GLY A 68 -3.09 2.98 27.02
C GLY A 68 -4.14 2.24 26.21
N ILE A 69 -3.85 2.01 24.94
CA ILE A 69 -4.76 1.29 24.04
C ILE A 69 -4.39 -0.18 24.13
N HIS A 70 -5.13 -0.93 24.94
CA HIS A 70 -4.86 -2.35 25.11
C HIS A 70 -5.42 -3.15 23.94
N GLU A 71 -4.84 -4.31 23.72
CA GLU A 71 -5.25 -5.20 22.64
C GLU A 71 -5.37 -6.62 23.18
N TYR A 72 -6.23 -7.42 22.53
CA TYR A 72 -6.39 -8.81 22.91
C TYR A 72 -6.65 -9.62 21.65
N ASP A 73 -5.68 -10.45 21.26
CA ASP A 73 -5.80 -11.32 20.10
C ASP A 73 -6.21 -12.72 20.56
N PHE A 74 -7.17 -13.31 19.85
CA PHE A 74 -7.60 -14.67 20.18
C PHE A 74 -8.25 -15.29 18.95
N GLU A 75 -8.90 -16.43 19.16
CA GLU A 75 -9.38 -17.24 18.05
C GLU A 75 -10.66 -17.97 18.43
N ILE A 76 -11.56 -18.09 17.47
CA ILE A 76 -12.73 -18.96 17.53
C ILE A 76 -12.49 -19.97 16.41
N LYS A 77 -13.53 -20.71 16.01
CA LYS A 77 -13.36 -21.96 15.26
C LYS A 77 -12.15 -21.90 14.34
N ASN A 78 -12.18 -20.96 13.36
CA ASN A 78 -11.03 -20.82 12.47
C ASN A 78 -10.67 -19.40 12.16
N VAL A 79 -11.26 -18.41 12.83
CA VAL A 79 -11.04 -17.02 12.45
C VAL A 79 -10.17 -16.32 13.49
N PRO A 80 -9.20 -15.50 13.08
CA PRO A 80 -8.45 -14.69 14.06
C PRO A 80 -9.14 -13.38 14.40
N PHE A 81 -9.34 -13.13 15.70
CA PHE A 81 -10.04 -11.95 16.18
C PHE A 81 -9.10 -11.08 17.00
N LYS A 82 -9.32 -9.77 16.93
CA LYS A 82 -8.56 -8.81 17.71
C LYS A 82 -9.53 -7.80 18.33
N MET A 83 -9.52 -7.71 19.65
CA MET A 83 -10.34 -6.76 20.39
C MET A 83 -9.48 -5.59 20.83
N VAL A 84 -9.89 -4.38 20.46
CA VAL A 84 -9.17 -3.16 20.78
C VAL A 84 -9.91 -2.45 21.90
N ASP A 85 -9.25 -2.30 23.04
CA ASP A 85 -9.81 -1.63 24.22
C ASP A 85 -9.14 -0.26 24.33
N VAL A 86 -9.93 0.80 24.16
CA VAL A 86 -9.40 2.16 24.27
C VAL A 86 -9.19 2.58 25.71
N GLY A 87 -9.83 1.90 26.66
CA GLY A 87 -9.62 2.17 28.07
C GLY A 87 -9.99 3.57 28.52
N GLY A 88 -11.16 4.05 28.12
CA GLY A 88 -11.61 5.35 28.54
C GLY A 88 -10.86 6.53 27.95
N GLN A 89 -10.23 6.33 26.79
CA GLN A 89 -9.44 7.37 26.14
C GLN A 89 -10.22 8.12 25.07
N ARG A 90 -11.53 7.86 24.95
CA ARG A 90 -12.34 8.43 23.88
C ARG A 90 -12.73 9.88 24.13
N SER A 91 -12.05 10.56 25.07
CA SER A 91 -12.34 11.97 25.34
C SER A 91 -11.99 12.87 24.16
N GLU A 92 -11.25 12.39 23.17
CA GLU A 92 -10.97 13.17 21.98
C GLU A 92 -12.26 13.31 21.17
N ARG A 93 -12.71 14.56 21.00
CA ARG A 93 -14.04 14.79 20.44
C ARG A 93 -14.16 14.30 19.00
N LYS A 94 -13.50 14.97 18.06
CA LYS A 94 -13.66 14.60 16.65
C LYS A 94 -12.43 14.83 15.79
N ARG A 95 -11.33 15.38 16.32
CA ARG A 95 -10.37 15.97 15.39
C ARG A 95 -9.82 15.06 14.29
N TRP A 96 -8.94 14.11 14.64
CA TRP A 96 -8.70 12.98 13.74
C TRP A 96 -8.33 11.73 14.54
N PHE A 97 -8.90 11.61 15.75
CA PHE A 97 -8.81 10.43 16.59
C PHE A 97 -9.71 9.30 16.09
N GLU A 98 -10.70 9.62 15.24
CA GLU A 98 -11.60 8.61 14.66
C GLU A 98 -10.85 7.96 13.51
N CYS A 99 -9.82 7.18 13.84
CA CYS A 99 -9.05 6.40 12.89
C CYS A 99 -9.25 4.91 13.10
N PHE A 100 -10.46 4.52 13.52
CA PHE A 100 -10.83 3.12 13.70
C PHE A 100 -11.93 2.78 12.72
N ASP A 101 -11.85 3.29 11.49
CA ASP A 101 -12.88 3.06 10.49
C ASP A 101 -12.67 1.78 9.69
N SER A 102 -11.82 0.87 10.16
CA SER A 102 -11.62 -0.43 9.52
C SER A 102 -12.09 -1.58 10.39
N VAL A 103 -12.81 -1.29 11.47
CA VAL A 103 -13.32 -2.34 12.35
C VAL A 103 -14.59 -2.92 11.74
N THR A 104 -15.03 -4.06 12.27
CA THR A 104 -16.26 -4.69 11.81
C THR A 104 -17.43 -4.48 12.75
N SER A 105 -17.19 -4.24 14.04
CA SER A 105 -18.29 -4.05 14.97
C SER A 105 -17.81 -3.34 16.22
N ILE A 106 -18.75 -2.63 16.85
CA ILE A 106 -18.52 -1.97 18.12
C ILE A 106 -19.33 -2.70 19.18
N LEU A 107 -18.66 -3.13 20.25
CA LEU A 107 -19.27 -3.96 21.28
C LEU A 107 -19.37 -3.13 22.56
N PHE A 108 -20.60 -2.86 22.99
CA PHE A 108 -20.89 -2.05 24.17
C PHE A 108 -21.22 -2.92 25.36
N LEU A 109 -20.74 -2.51 26.53
CA LEU A 109 -21.16 -3.10 27.80
C LEU A 109 -21.98 -2.08 28.60
N VAL A 110 -23.12 -2.53 29.14
CA VAL A 110 -23.96 -1.67 29.96
C VAL A 110 -24.37 -2.45 31.20
N ASP A 111 -24.44 -1.73 32.34
CA ASP A 111 -24.85 -2.29 33.62
C ASP A 111 -26.33 -1.97 33.84
N SER A 112 -27.18 -2.98 33.69
CA SER A 112 -28.62 -2.79 33.78
C SER A 112 -29.10 -2.59 35.21
N SER A 113 -28.43 -3.22 36.18
CA SER A 113 -28.92 -3.21 37.56
C SER A 113 -28.74 -1.86 38.25
N ASP A 114 -27.90 -0.98 37.70
CA ASP A 114 -27.63 0.31 38.32
C ASP A 114 -28.45 1.37 37.58
N PHE A 115 -29.70 1.50 38.01
CA PHE A 115 -30.64 2.39 37.32
C PHE A 115 -30.20 3.86 37.39
N ASN A 116 -29.40 4.20 38.41
CA ASN A 116 -29.11 5.61 38.66
C ASN A 116 -28.16 6.19 37.62
N ARG A 117 -27.43 5.36 36.88
CA ARG A 117 -26.51 5.82 35.86
C ARG A 117 -26.94 5.43 34.45
N LEU A 118 -28.17 4.95 34.28
CA LEU A 118 -28.65 4.58 32.96
C LEU A 118 -28.71 5.78 32.03
N THR A 119 -29.06 6.95 32.56
CA THR A 119 -29.10 8.16 31.73
C THR A 119 -27.72 8.49 31.19
N GLU A 120 -26.69 8.41 32.04
CA GLU A 120 -25.32 8.66 31.60
C GLU A 120 -24.88 7.65 30.55
N SER A 121 -25.22 6.37 30.78
CA SER A 121 -24.87 5.34 29.80
C SER A 121 -25.56 5.60 28.47
N LEU A 122 -26.82 6.03 28.51
CA LEU A 122 -27.54 6.34 27.28
C LEU A 122 -26.92 7.52 26.55
N ASN A 123 -26.49 8.55 27.29
CA ASN A 123 -25.84 9.69 26.67
C ASN A 123 -24.55 9.27 25.97
N ASP A 124 -23.74 8.44 26.65
CA ASP A 124 -22.52 7.95 26.04
C ASP A 124 -22.82 7.12 24.80
N PHE A 125 -23.88 6.31 24.86
CA PHE A 125 -24.29 5.53 23.69
C PHE A 125 -24.68 6.42 22.52
N GLU A 126 -25.46 7.47 22.78
CA GLU A 126 -25.92 8.35 21.71
C GLU A 126 -24.83 9.24 21.16
N THR A 127 -23.75 9.48 21.91
CA THR A 127 -22.66 10.32 21.43
C THR A 127 -21.78 9.61 20.40
N ILE A 128 -21.80 8.28 20.35
CA ILE A 128 -20.88 7.50 19.52
C ILE A 128 -21.55 7.00 18.25
N VAL A 129 -22.66 6.27 18.38
CA VAL A 129 -23.27 5.59 17.25
C VAL A 129 -23.79 6.53 16.18
N ASN A 130 -23.87 7.83 16.46
CA ASN A 130 -24.35 8.81 15.50
C ASN A 130 -23.21 9.65 14.92
N ASN A 131 -22.07 9.01 14.65
CA ASN A 131 -20.92 9.67 14.06
C ASN A 131 -20.70 9.11 12.65
N ARG A 132 -20.43 10.00 11.70
CA ARG A 132 -20.35 9.60 10.29
C ARG A 132 -19.22 8.63 10.01
N VAL A 133 -18.18 8.60 10.86
CA VAL A 133 -17.08 7.68 10.64
C VAL A 133 -17.55 6.22 10.78
N PHE A 134 -18.49 5.97 11.69
CA PHE A 134 -18.98 4.62 11.98
C PHE A 134 -20.27 4.32 11.23
N SER A 135 -20.40 4.82 10.00
CA SER A 135 -21.63 4.65 9.24
C SER A 135 -21.88 3.19 8.88
N ASN A 136 -20.83 2.46 8.50
CA ASN A 136 -20.96 1.09 8.01
C ASN A 136 -20.41 0.07 9.00
N VAL A 137 -20.62 0.31 10.29
CA VAL A 137 -20.17 -0.59 11.36
C VAL A 137 -21.37 -0.97 12.20
N SER A 138 -21.52 -2.27 12.44
CA SER A 138 -22.64 -2.74 13.26
C SER A 138 -22.34 -2.57 14.74
N ILE A 139 -23.40 -2.67 15.54
CA ILE A 139 -23.34 -2.44 16.99
C ILE A 139 -23.85 -3.70 17.68
N ILE A 140 -23.11 -4.16 18.68
CA ILE A 140 -23.53 -5.24 19.56
C ILE A 140 -23.62 -4.66 20.97
N LEU A 141 -24.67 -5.04 21.70
CA LEU A 141 -24.98 -4.42 22.99
C LEU A 141 -25.19 -5.51 24.04
N PHE A 142 -24.30 -5.57 25.02
CA PHE A 142 -24.41 -6.52 26.12
C PHE A 142 -24.95 -5.80 27.34
N LEU A 143 -25.99 -6.37 27.94
CA LEU A 143 -26.60 -5.85 29.17
C LEU A 143 -26.28 -6.85 30.26
N ASN A 144 -25.65 -6.38 31.34
CA ASN A 144 -24.94 -7.27 32.24
C ASN A 144 -25.58 -7.26 33.62
N LYS A 145 -25.36 -8.34 34.36
CA LYS A 145 -25.88 -8.53 35.71
C LYS A 145 -27.42 -8.48 35.74
N THR A 146 -28.02 -9.47 35.07
CA THR A 146 -29.48 -9.55 35.01
C THR A 146 -30.10 -10.10 36.29
N ASP A 147 -29.39 -11.01 36.99
CA ASP A 147 -29.91 -11.53 38.25
C ASP A 147 -30.05 -10.42 39.29
N LEU A 148 -29.06 -9.53 39.36
CA LEU A 148 -29.19 -8.36 40.23
C LEU A 148 -30.33 -7.46 39.77
N LEU A 149 -30.60 -7.41 38.47
CA LEU A 149 -31.77 -6.68 37.99
C LEU A 149 -33.05 -7.29 38.53
N GLU A 150 -33.15 -8.61 38.53
CA GLU A 150 -34.32 -9.28 39.09
C GLU A 150 -34.45 -8.98 40.58
N GLU A 151 -33.33 -8.98 41.30
CA GLU A 151 -33.37 -8.67 42.73
C GLU A 151 -33.81 -7.23 42.97
N LYS A 152 -33.36 -6.30 42.12
CA LYS A 152 -33.62 -4.88 42.36
C LYS A 152 -35.03 -4.47 41.95
N VAL A 153 -35.57 -5.06 40.87
CA VAL A 153 -36.88 -4.61 40.39
C VAL A 153 -37.98 -4.92 41.40
N GLN A 154 -37.83 -6.01 42.16
CA GLN A 154 -38.85 -6.37 43.14
C GLN A 154 -38.97 -5.30 44.22
N ILE A 155 -37.85 -4.71 44.61
CA ILE A 155 -37.83 -3.74 45.71
C ILE A 155 -38.10 -2.34 45.18
N VAL A 156 -37.22 -1.87 44.29
CA VAL A 156 -37.29 -0.50 43.77
C VAL A 156 -37.92 -0.55 42.37
N SER A 157 -39.05 0.13 42.22
CA SER A 157 -39.69 0.24 40.91
C SER A 157 -38.84 1.10 39.99
N ILE A 158 -38.87 0.77 38.69
CA ILE A 158 -38.11 1.51 37.69
C ILE A 158 -38.88 2.75 37.28
N LYS A 159 -40.08 2.94 37.84
CA LYS A 159 -40.93 4.06 37.45
C LYS A 159 -40.55 5.35 38.16
N ASP A 160 -39.73 5.30 39.20
CA ASP A 160 -39.37 6.49 39.95
C ASP A 160 -38.33 7.34 39.24
N TYR A 161 -37.74 6.86 38.16
CA TYR A 161 -36.74 7.60 37.39
C TYR A 161 -37.22 7.97 36.00
N PHE A 162 -37.93 7.06 35.32
CA PHE A 162 -38.54 7.32 34.04
C PHE A 162 -40.05 7.29 34.18
N LEU A 163 -40.72 8.24 33.53
CA LEU A 163 -42.17 8.29 33.55
C LEU A 163 -42.81 7.53 32.39
N GLU A 164 -42.02 6.98 31.49
CA GLU A 164 -42.53 6.32 30.29
C GLU A 164 -42.74 4.82 30.47
N PHE A 165 -42.47 4.29 31.66
CA PHE A 165 -42.74 2.88 31.90
C PHE A 165 -44.23 2.55 31.96
N GLU A 166 -44.61 1.47 31.28
CA GLU A 166 -46.01 1.11 31.12
C GLU A 166 -46.15 -0.38 31.36
N GLY A 167 -46.59 -0.76 32.56
CA GLY A 167 -46.79 -2.14 32.92
C GLY A 167 -46.48 -2.36 34.38
N ASP A 168 -46.41 -3.63 34.76
CA ASP A 168 -46.12 -3.99 36.14
C ASP A 168 -44.66 -3.69 36.45
N PRO A 169 -44.36 -2.86 37.45
CA PRO A 169 -42.96 -2.60 37.80
C PRO A 169 -42.26 -3.77 38.47
N HIS A 170 -42.95 -4.89 38.67
CA HIS A 170 -42.36 -6.07 39.28
C HIS A 170 -42.09 -7.19 38.27
N CYS A 171 -42.39 -6.98 37.00
CA CYS A 171 -42.25 -8.02 35.98
C CYS A 171 -40.99 -7.76 35.15
N LEU A 172 -40.18 -8.80 34.98
CA LEU A 172 -38.91 -8.66 34.27
C LEU A 172 -39.12 -8.35 32.80
N ARG A 173 -40.13 -8.94 32.17
CA ARG A 173 -40.32 -8.78 30.74
C ARG A 173 -40.58 -7.32 30.38
N ASP A 174 -41.43 -6.64 31.16
CA ASP A 174 -41.77 -5.25 30.85
C ASP A 174 -40.55 -4.36 30.94
N VAL A 175 -39.78 -4.50 32.02
CA VAL A 175 -38.62 -3.62 32.21
C VAL A 175 -37.53 -3.92 31.18
N GLN A 176 -37.35 -5.20 30.83
CA GLN A 176 -36.35 -5.54 29.83
C GLN A 176 -36.73 -4.98 28.46
N LYS A 177 -38.02 -5.11 28.09
CA LYS A 177 -38.47 -4.50 26.84
C LYS A 177 -38.29 -2.99 26.88
N PHE A 178 -38.59 -2.37 28.03
CA PHE A 178 -38.41 -0.93 28.16
C PHE A 178 -36.97 -0.52 27.94
N LEU A 179 -36.02 -1.25 28.53
CA LEU A 179 -34.62 -0.92 28.36
C LEU A 179 -34.18 -1.07 26.92
N VAL A 180 -34.57 -2.17 26.27
CA VAL A 180 -34.15 -2.39 24.89
C VAL A 180 -34.71 -1.31 23.98
N GLU A 181 -36.02 -1.03 24.10
CA GLU A 181 -36.62 -0.01 23.25
C GLU A 181 -36.08 1.37 23.57
N CYS A 182 -35.66 1.62 24.80
CA CYS A 182 -35.08 2.91 25.14
C CYS A 182 -33.69 3.07 24.55
N PHE A 183 -32.94 1.97 24.43
CA PHE A 183 -31.66 2.04 23.74
C PHE A 183 -31.79 2.15 22.23
N ARG A 184 -32.85 1.58 21.65
CA ARG A 184 -32.95 1.59 20.19
C ARG A 184 -33.37 2.95 19.61
N ASN A 185 -34.14 3.76 20.36
CA ASN A 185 -34.65 4.99 19.79
C ASN A 185 -33.57 6.01 19.45
N LYS A 186 -32.38 5.88 20.02
CA LYS A 186 -31.35 6.91 19.84
C LYS A 186 -30.65 6.83 18.48
N ARG A 187 -30.86 5.76 17.72
CA ARG A 187 -30.10 5.57 16.50
C ARG A 187 -30.62 6.47 15.38
N ARG A 188 -29.81 6.57 14.32
CA ARG A 188 -30.15 7.41 13.18
C ARG A 188 -31.23 6.76 12.32
N ASP A 189 -31.82 7.56 11.45
CA ASP A 189 -32.87 7.06 10.56
C ASP A 189 -32.33 6.02 9.58
N GLN A 190 -31.12 6.25 9.07
CA GLN A 190 -30.54 5.33 8.10
C GLN A 190 -30.38 3.95 8.70
N GLN A 191 -30.81 2.92 7.95
CA GLN A 191 -30.76 1.54 8.41
C GLN A 191 -29.97 0.72 7.39
N GLN A 192 -28.65 0.70 7.56
CA GLN A 192 -27.79 -0.16 6.76
C GLN A 192 -27.36 -1.42 7.50
N LYS A 193 -27.21 -1.36 8.81
CA LYS A 193 -26.77 -2.47 9.64
C LYS A 193 -27.68 -2.59 10.85
N PRO A 194 -27.80 -3.78 11.42
CA PRO A 194 -28.74 -3.98 12.53
C PRO A 194 -28.16 -3.67 13.91
N LEU A 195 -28.96 -3.95 14.95
CA LEU A 195 -28.58 -3.79 16.34
C LEU A 195 -28.91 -5.06 17.09
N TYR A 196 -27.89 -5.80 17.50
CA TYR A 196 -28.08 -7.01 18.28
C TYR A 196 -27.99 -6.69 19.76
N HIS A 197 -28.64 -7.51 20.58
CA HIS A 197 -28.67 -7.29 22.02
C HIS A 197 -28.82 -8.63 22.72
N HIS A 198 -28.16 -8.77 23.87
CA HIS A 198 -28.22 -10.00 24.63
C HIS A 198 -28.37 -9.71 26.12
N PHE A 199 -29.09 -10.58 26.81
CA PHE A 199 -29.21 -10.54 28.27
C PHE A 199 -28.37 -11.68 28.84
N THR A 200 -27.08 -11.40 29.05
CA THR A 200 -26.13 -12.38 29.54
C THR A 200 -25.68 -12.01 30.94
N THR A 201 -25.34 -13.05 31.72
CA THR A 201 -24.83 -12.86 33.07
C THR A 201 -23.39 -12.32 33.02
N ALA A 202 -22.81 -12.15 34.20
CA ALA A 202 -21.45 -11.59 34.28
C ALA A 202 -20.45 -12.47 33.55
N ILE A 203 -20.53 -13.78 33.76
CA ILE A 203 -19.62 -14.72 33.11
C ILE A 203 -20.41 -15.92 32.59
N ASN A 204 -20.65 -15.94 31.28
CA ASN A 204 -21.32 -17.04 30.62
C ASN A 204 -20.32 -17.78 29.71
N THR A 205 -20.83 -18.77 28.98
CA THR A 205 -20.01 -19.61 28.13
C THR A 205 -20.31 -19.42 26.65
N GLU A 206 -21.44 -18.84 26.30
CA GLU A 206 -21.84 -18.67 24.91
C GLU A 206 -21.43 -17.33 24.32
N ASN A 207 -20.69 -16.52 25.08
CA ASN A 207 -20.36 -15.16 24.62
C ASN A 207 -19.57 -15.19 23.33
N ALA A 208 -18.58 -16.08 23.23
CA ALA A 208 -17.81 -16.19 22.00
C ALA A 208 -18.70 -16.57 20.83
N ARG A 209 -19.58 -17.55 21.01
CA ARG A 209 -20.50 -17.93 19.95
C ARG A 209 -21.41 -16.76 19.62
N LEU A 210 -21.91 -16.06 20.63
CA LEU A 210 -22.84 -14.95 20.40
C LEU A 210 -22.20 -13.87 19.55
N ILE A 211 -20.92 -13.57 19.78
CA ILE A 211 -20.24 -12.61 18.92
C ILE A 211 -19.99 -13.21 17.53
N PHE A 212 -19.66 -14.50 17.47
CA PHE A 212 -19.34 -15.14 16.20
C PHE A 212 -20.52 -15.10 15.24
N ARG A 213 -21.71 -15.46 15.72
CA ARG A 213 -22.88 -15.45 14.85
C ARG A 213 -23.23 -14.04 14.40
N ASP A 214 -23.12 -13.06 15.31
CA ASP A 214 -23.49 -11.69 14.96
C ASP A 214 -22.49 -11.06 13.99
N VAL A 215 -21.25 -11.56 13.96
CA VAL A 215 -20.29 -11.08 12.97
C VAL A 215 -20.50 -11.78 11.63
N LYS A 216 -20.81 -13.09 11.67
CA LYS A 216 -21.09 -13.82 10.44
C LYS A 216 -22.29 -13.21 9.71
N ASP A 217 -23.34 -12.85 10.46
CA ASP A 217 -24.51 -12.26 9.82
C ASP A 217 -24.20 -10.91 9.20
N THR A 218 -23.36 -10.10 9.85
CA THR A 218 -22.98 -8.81 9.27
C THR A 218 -22.20 -9.00 7.98
N ILE A 219 -21.26 -9.95 7.97
CA ILE A 219 -20.45 -10.16 6.77
C ILE A 219 -21.31 -10.69 5.63
N LEU A 220 -22.23 -11.62 5.93
CA LEU A 220 -23.17 -12.10 4.92
C LEU A 220 -24.06 -10.99 4.39
N HIS A 221 -24.50 -10.10 5.28
CA HIS A 221 -25.31 -8.95 4.87
C HIS A 221 -24.54 -8.06 3.90
N ASP A 222 -23.25 -7.83 4.17
CA ASP A 222 -22.46 -7.00 3.26
C ASP A 222 -22.19 -7.72 1.94
N ASN A 223 -21.97 -9.03 1.97
CA ASN A 223 -21.76 -9.78 0.74
C ASN A 223 -23.00 -9.73 -0.15
N LEU A 224 -24.19 -9.80 0.45
CA LEU A 224 -25.43 -9.71 -0.33
C LEU A 224 -25.53 -8.40 -1.09
N LYS A 225 -24.85 -7.35 -0.63
CA LYS A 225 -24.81 -6.09 -1.38
C LYS A 225 -23.62 -6.03 -2.32
N GLN A 226 -22.55 -6.76 -2.03
CA GLN A 226 -21.39 -6.78 -2.91
C GLN A 226 -21.62 -7.59 -4.19
N LEU A 227 -22.64 -8.45 -4.24
CA LEU A 227 -22.91 -9.28 -5.40
C LEU A 227 -24.00 -8.72 -6.30
N MET A 228 -24.38 -7.46 -6.09
CA MET A 228 -25.38 -6.77 -6.91
C MET A 228 -26.76 -7.41 -6.77
N LEU A 229 -26.89 -8.41 -5.89
CA LEU A 229 -28.20 -8.99 -5.61
C LEU A 229 -29.12 -8.04 -4.85
N GLN A 230 -28.58 -6.98 -4.27
CA GLN A 230 -29.37 -6.06 -3.47
C GLN A 230 -28.58 -4.76 -3.27
N GLU B 8 -10.89 44.22 39.82
CA GLU B 8 -9.62 43.53 39.60
C GLU B 8 -9.63 42.76 38.28
N LEU B 9 -10.35 41.64 38.27
CA LEU B 9 -10.43 40.82 37.06
C LEU B 9 -11.11 41.56 35.93
N ASP B 10 -12.18 42.31 36.24
CA ASP B 10 -12.87 43.08 35.21
C ASP B 10 -11.95 44.13 34.59
N GLN B 11 -11.12 44.76 35.42
CA GLN B 11 -10.14 45.71 34.90
C GLN B 11 -9.15 45.02 33.95
N LEU B 12 -8.72 43.81 34.32
CA LEU B 12 -7.81 43.06 33.45
C LEU B 12 -8.49 42.73 32.12
N ARG B 13 -9.75 42.34 32.15
CA ARG B 13 -10.47 42.04 30.91
C ARG B 13 -10.65 43.28 30.06
N GLN B 14 -10.92 44.43 30.69
CA GLN B 14 -11.00 45.69 29.94
C GLN B 14 -9.65 46.03 29.31
N GLU B 15 -8.56 45.81 30.05
CA GLU B 15 -7.23 46.04 29.49
C GLU B 15 -6.97 45.11 28.30
N ALA B 16 -7.39 43.85 28.40
CA ALA B 16 -7.22 42.92 27.30
C ALA B 16 -8.02 43.37 26.07
N GLU B 17 -9.24 43.85 26.29
CA GLU B 17 -10.03 44.37 25.18
C GLU B 17 -9.37 45.57 24.53
N GLN B 18 -8.82 46.48 25.35
CA GLN B 18 -8.13 47.64 24.81
C GLN B 18 -6.90 47.24 24.01
N LEU B 19 -6.16 46.25 24.50
CA LEU B 19 -4.98 45.77 23.78
C LEU B 19 -5.38 45.14 22.45
N LYS B 20 -6.46 44.35 22.44
CA LYS B 20 -6.93 43.77 21.19
C LYS B 20 -7.35 44.84 20.20
N ASN B 21 -8.04 45.88 20.69
CA ASN B 21 -8.42 46.99 19.81
C ASN B 21 -7.20 47.70 19.24
N GLN B 22 -6.18 47.93 20.08
CA GLN B 22 -4.96 48.57 19.59
C GLN B 22 -4.27 47.71 18.54
N ILE B 23 -4.21 46.40 18.76
CA ILE B 23 -3.58 45.51 17.78
C ILE B 23 -4.34 45.55 16.45
N ARG B 24 -5.67 45.49 16.52
CA ARG B 24 -6.47 45.53 15.29
C ARG B 24 -6.28 46.85 14.56
N ASP B 25 -6.28 47.97 15.28
CA ASP B 25 -6.08 49.27 14.63
C ASP B 25 -4.71 49.38 14.00
N ALA B 26 -3.67 48.89 14.70
CA ALA B 26 -2.32 48.93 14.15
C ALA B 26 -2.22 48.07 12.88
N ARG B 27 -2.86 46.90 12.89
CA ARG B 27 -2.88 46.07 11.69
C ARG B 27 -3.68 46.73 10.57
N LYS B 28 -4.68 47.55 10.93
CA LYS B 28 -5.42 48.28 9.91
C LYS B 28 -4.60 49.40 9.29
N ALA B 29 -3.75 50.05 10.08
CA ALA B 29 -3.05 51.24 9.62
C ALA B 29 -1.87 50.95 8.71
N CYS B 30 -1.47 49.69 8.56
CA CYS B 30 -0.32 49.35 7.73
C CYS B 30 -0.70 48.83 6.34
N ALA B 31 -1.99 48.69 6.04
CA ALA B 31 -2.43 48.10 4.78
C ALA B 31 -2.75 49.21 3.80
N ASP B 32 -1.70 49.77 3.19
CA ASP B 32 -1.88 50.83 2.21
C ASP B 32 -2.36 50.30 0.87
N ALA B 33 -1.91 49.10 0.48
CA ALA B 33 -2.33 48.50 -0.78
C ALA B 33 -2.32 46.99 -0.62
N THR B 34 -3.09 46.32 -1.47
CA THR B 34 -3.18 44.86 -1.42
C THR B 34 -2.15 44.24 -2.37
N LEU B 35 -2.02 42.91 -2.27
CA LEU B 35 -1.03 42.19 -3.05
C LEU B 35 -1.46 42.04 -4.51
N SER B 36 -2.76 41.95 -4.78
CA SER B 36 -3.23 41.75 -6.15
C SER B 36 -2.89 42.94 -7.04
N GLN B 37 -3.03 44.15 -6.52
CA GLN B 37 -2.75 45.34 -7.33
C GLN B 37 -1.27 45.42 -7.71
N ILE B 38 -0.39 45.05 -6.79
CA ILE B 38 1.05 45.15 -7.06
C ILE B 38 1.45 44.16 -8.14
N THR B 39 0.86 42.97 -8.15
CA THR B 39 1.23 41.90 -9.07
C THR B 39 0.21 41.73 -10.19
N ASN B 40 -0.34 42.84 -10.69
CA ASN B 40 -1.37 42.80 -11.73
C ASN B 40 -0.83 43.18 -13.10
N ASN B 41 0.49 43.20 -13.29
CA ASN B 41 1.08 43.63 -14.55
C ASN B 41 2.19 42.68 -15.01
N ILE B 42 2.08 41.39 -14.67
CA ILE B 42 3.11 40.43 -15.00
C ILE B 42 2.49 39.18 -15.63
N ASP B 43 3.34 38.44 -16.35
CA ASP B 43 2.86 37.28 -17.09
C ASP B 43 2.48 36.15 -16.14
N PRO B 44 1.55 35.30 -16.55
CA PRO B 44 1.27 34.08 -15.79
C PRO B 44 2.31 33.01 -16.10
N VAL B 45 2.17 31.86 -15.41
CA VAL B 45 3.05 30.73 -15.66
C VAL B 45 2.55 29.86 -16.80
N GLY B 46 1.34 30.12 -17.31
CA GLY B 46 0.81 29.33 -18.41
C GLY B 46 0.12 28.08 -17.93
N ARG B 47 0.35 26.97 -18.63
CA ARG B 47 -0.17 25.67 -18.23
C ARG B 47 1.00 24.78 -17.82
N ILE B 48 0.76 23.97 -16.80
CA ILE B 48 1.80 23.13 -16.21
C ILE B 48 1.32 21.68 -16.27
N GLN B 49 2.15 20.81 -16.82
CA GLN B 49 1.82 19.40 -17.01
C GLN B 49 2.91 18.55 -16.39
N MET B 50 2.51 17.54 -15.63
CA MET B 50 3.44 16.64 -14.97
C MET B 50 3.04 15.19 -15.25
N ARG B 51 4.05 14.32 -15.26
CA ARG B 51 3.84 12.91 -15.57
C ARG B 51 4.42 12.05 -14.45
N THR B 52 3.90 10.83 -14.35
CA THR B 52 4.30 9.90 -13.30
C THR B 52 5.53 9.13 -13.77
N ARG B 53 6.68 9.36 -13.14
CA ARG B 53 7.89 8.64 -13.52
C ARG B 53 7.97 7.27 -12.87
N ARG B 54 7.67 7.19 -11.58
CA ARG B 54 7.78 5.94 -10.84
C ARG B 54 6.52 5.71 -10.01
N THR B 55 6.31 4.46 -9.63
CA THR B 55 5.29 4.07 -8.66
C THR B 55 5.90 3.06 -7.70
N LEU B 56 5.76 3.30 -6.41
CA LEU B 56 6.42 2.52 -5.37
C LEU B 56 5.38 1.69 -4.62
N ARG B 57 5.47 0.37 -4.75
CA ARG B 57 4.48 -0.56 -4.22
C ARG B 57 5.08 -1.43 -3.13
N GLY B 58 4.26 -1.79 -2.14
CA GLY B 58 4.70 -2.69 -1.10
C GLY B 58 4.15 -2.47 0.29
N HIS B 59 3.57 -1.31 0.55
CA HIS B 59 2.84 -1.12 1.80
C HIS B 59 1.54 -1.92 1.78
N LEU B 60 1.11 -2.36 2.96
CA LEU B 60 -0.04 -3.25 3.08
C LEU B 60 -1.32 -2.54 3.47
N ALA B 61 -1.26 -1.27 3.85
CA ALA B 61 -2.42 -0.53 4.34
C ALA B 61 -2.25 0.93 3.95
N LYS B 62 -3.03 1.80 4.59
CA LYS B 62 -2.97 3.23 4.29
C LYS B 62 -1.58 3.79 4.62
N ILE B 63 -1.21 4.85 3.92
CA ILE B 63 0.05 5.55 4.11
C ILE B 63 -0.25 6.85 4.84
N TYR B 64 0.50 7.13 5.90
CA TYR B 64 0.16 8.27 6.75
C TYR B 64 1.16 9.41 6.73
N ALA B 65 2.43 9.16 6.40
CA ALA B 65 3.40 10.25 6.34
C ALA B 65 4.60 9.82 5.50
N MET B 66 5.38 10.81 5.09
CA MET B 66 6.61 10.58 4.34
C MET B 66 7.53 11.79 4.53
N HIS B 67 8.83 11.57 4.27
CA HIS B 67 9.82 12.62 4.39
C HIS B 67 11.00 12.30 3.47
N TRP B 68 11.61 13.35 2.91
CA TRP B 68 12.73 13.23 1.98
C TRP B 68 14.05 13.31 2.72
N GLY B 69 15.08 12.66 2.16
CA GLY B 69 16.43 12.89 2.60
C GLY B 69 17.02 14.15 1.99
N THR B 70 18.13 14.62 2.58
CA THR B 70 18.75 15.84 2.10
C THR B 70 19.61 15.64 0.86
N ASP B 71 19.82 14.40 0.43
CA ASP B 71 20.53 14.13 -0.82
C ASP B 71 19.60 14.01 -2.02
N SER B 72 18.29 14.08 -1.80
CA SER B 72 17.28 14.07 -2.86
C SER B 72 17.19 12.72 -3.57
N ARG B 73 17.51 11.63 -2.87
CA ARG B 73 17.41 10.30 -3.46
C ARG B 73 16.70 9.28 -2.58
N LEU B 74 16.67 9.45 -1.26
CA LEU B 74 16.15 8.44 -0.34
C LEU B 74 14.89 8.93 0.35
N LEU B 75 13.99 7.99 0.66
CA LEU B 75 12.70 8.32 1.24
C LEU B 75 12.32 7.36 2.36
N VAL B 76 11.58 7.86 3.34
CA VAL B 76 11.04 7.06 4.43
C VAL B 76 9.53 7.25 4.47
N SER B 77 8.78 6.16 4.66
CA SER B 77 7.33 6.23 4.70
C SER B 77 6.79 5.32 5.80
N ALA B 78 5.66 5.74 6.38
CA ALA B 78 5.02 5.07 7.51
C ALA B 78 3.62 4.61 7.13
N SER B 79 3.28 3.38 7.51
CA SER B 79 1.96 2.84 7.24
C SER B 79 1.30 2.39 8.53
N GLN B 80 -0.01 2.13 8.48
CA GLN B 80 -0.74 1.71 9.67
C GLN B 80 -0.73 0.20 9.87
N ASP B 81 -0.03 -0.54 9.01
CA ASP B 81 0.24 -1.93 9.30
C ASP B 81 1.44 -2.11 10.22
N GLY B 82 2.03 -1.01 10.68
CA GLY B 82 3.11 -1.05 11.65
C GLY B 82 4.47 -1.17 11.02
N LYS B 83 4.75 -0.39 9.97
CA LYS B 83 6.02 -0.49 9.28
C LYS B 83 6.48 0.87 8.77
N LEU B 84 7.80 1.04 8.82
CA LEU B 84 8.53 2.09 8.13
C LEU B 84 9.33 1.45 7.01
N ILE B 85 9.36 2.10 5.85
CA ILE B 85 10.17 1.61 4.73
C ILE B 85 11.02 2.75 4.19
N ILE B 86 12.29 2.46 3.94
CA ILE B 86 13.24 3.39 3.36
C ILE B 86 13.54 2.93 1.94
N TRP B 87 13.17 3.78 0.97
CA TRP B 87 13.22 3.53 -0.47
C TRP B 87 14.30 4.34 -1.17
N ASP B 88 14.90 3.70 -2.18
CA ASP B 88 15.63 4.42 -3.23
C ASP B 88 14.65 4.79 -4.34
N SER B 89 14.80 6.00 -4.88
CA SER B 89 13.81 6.54 -5.81
C SER B 89 14.23 6.50 -7.27
N TYR B 90 15.52 6.40 -7.57
CA TYR B 90 15.94 6.28 -8.97
C TYR B 90 15.71 4.88 -9.51
N THR B 91 15.77 3.86 -8.64
CA THR B 91 15.67 2.48 -9.06
C THR B 91 14.45 1.76 -8.49
N THR B 92 13.73 2.35 -7.53
CA THR B 92 12.58 1.77 -6.84
C THR B 92 12.97 0.57 -5.99
N ASN B 93 14.24 0.45 -5.61
CA ASN B 93 14.69 -0.58 -4.68
C ASN B 93 14.33 -0.20 -3.25
N LYS B 94 14.09 -1.20 -2.42
CA LYS B 94 13.89 -1.00 -1.00
C LYS B 94 15.23 -1.12 -0.28
N VAL B 95 15.62 -0.07 0.44
CA VAL B 95 16.87 -0.10 1.19
C VAL B 95 16.67 -0.68 2.58
N HIS B 96 15.63 -0.26 3.30
CA HIS B 96 15.40 -0.78 4.65
C HIS B 96 13.91 -0.99 4.90
N ALA B 97 13.61 -1.94 5.78
CA ALA B 97 12.26 -2.17 6.30
C ALA B 97 12.32 -2.34 7.81
N ILE B 98 11.45 -1.65 8.53
CA ILE B 98 11.51 -1.55 9.98
C ILE B 98 10.16 -1.84 10.58
N PRO B 99 10.03 -2.85 11.45
CA PRO B 99 8.77 -3.11 12.17
C PRO B 99 8.69 -2.36 13.50
N LEU B 100 7.52 -1.80 13.77
CA LEU B 100 7.30 -0.98 14.96
C LEU B 100 6.62 -1.78 16.05
N ARG B 101 6.91 -1.41 17.30
CA ARG B 101 6.29 -2.08 18.44
C ARG B 101 4.82 -1.67 18.61
N SER B 102 4.48 -0.44 18.26
CA SER B 102 3.11 0.06 18.33
C SER B 102 2.61 0.32 16.92
N SER B 103 1.45 -0.26 16.58
CA SER B 103 0.96 -0.21 15.22
C SER B 103 0.23 1.10 14.90
N TRP B 104 -0.08 1.91 15.90
CA TRP B 104 -0.77 3.18 15.67
C TRP B 104 0.28 4.26 15.54
N VAL B 105 0.63 4.60 14.31
CA VAL B 105 1.70 5.55 14.02
C VAL B 105 1.10 6.73 13.28
N MET B 106 1.73 7.90 13.44
CA MET B 106 1.11 9.14 12.97
C MET B 106 2.06 10.08 12.25
N THR B 107 3.37 9.92 12.35
CA THR B 107 4.33 10.84 11.76
C THR B 107 5.70 10.17 11.68
N CYS B 108 6.57 10.73 10.85
CA CYS B 108 7.94 10.26 10.72
C CYS B 108 8.82 11.41 10.27
N ALA B 109 10.13 11.27 10.52
CA ALA B 109 11.11 12.29 10.18
C ALA B 109 12.42 11.63 9.79
N TYR B 110 13.26 12.37 9.08
CA TYR B 110 14.50 11.85 8.54
C TYR B 110 15.59 12.86 8.86
N ALA B 111 16.64 12.43 9.56
CA ALA B 111 17.64 13.36 10.06
C ALA B 111 18.42 14.00 8.91
N PRO B 112 18.86 15.25 9.07
CA PRO B 112 19.59 15.93 8.00
C PRO B 112 20.99 15.41 7.75
N SER B 113 21.44 14.39 8.46
CA SER B 113 22.72 13.75 8.21
C SER B 113 22.61 12.34 7.65
N GLY B 114 21.46 11.69 7.84
CA GLY B 114 21.25 10.36 7.33
C GLY B 114 21.49 9.25 8.32
N ASN B 115 21.68 9.56 9.60
CA ASN B 115 22.07 8.55 10.57
C ASN B 115 20.90 8.01 11.38
N TYR B 116 19.82 8.78 11.54
CA TYR B 116 18.74 8.41 12.44
C TYR B 116 17.39 8.65 11.78
N VAL B 117 16.38 7.93 12.26
CA VAL B 117 14.98 8.22 11.94
C VAL B 117 14.19 8.29 13.23
N ALA B 118 13.00 8.89 13.14
CA ALA B 118 12.13 9.05 14.30
C ALA B 118 10.69 8.81 13.90
N CYS B 119 9.87 8.41 14.88
CA CYS B 119 8.45 8.16 14.64
C CYS B 119 7.70 8.29 15.96
N GLY B 120 6.38 8.18 15.88
CA GLY B 120 5.53 8.32 17.05
C GLY B 120 4.07 8.17 16.65
N GLY B 121 3.21 8.15 17.66
CA GLY B 121 1.79 7.99 17.41
C GLY B 121 0.90 8.01 18.64
N LEU B 122 -0.09 7.11 18.69
CA LEU B 122 -1.08 7.02 19.78
C LEU B 122 -0.52 6.44 21.06
N ASP B 123 0.78 6.20 21.17
CA ASP B 123 1.38 5.69 22.40
C ASP B 123 2.00 6.80 23.25
N ASN B 124 1.96 8.04 22.76
CA ASN B 124 2.46 9.23 23.45
C ASN B 124 3.97 9.26 23.58
N ILE B 125 4.69 8.44 22.82
CA ILE B 125 6.14 8.32 22.93
C ILE B 125 6.76 8.61 21.56
N CYS B 126 7.97 9.18 21.58
CA CYS B 126 8.73 9.40 20.36
C CYS B 126 9.90 8.43 20.32
N SER B 127 10.01 7.67 19.24
CA SER B 127 11.02 6.62 19.12
C SER B 127 12.06 7.01 18.07
N ILE B 128 13.32 6.75 18.38
CA ILE B 128 14.45 7.16 17.55
C ILE B 128 15.30 5.94 17.25
N TYR B 129 15.49 5.66 15.97
CA TYR B 129 16.17 4.47 15.45
C TYR B 129 17.49 4.84 14.77
N ASN B 130 18.50 4.01 14.99
CA ASN B 130 19.85 4.21 14.47
C ASN B 130 20.06 3.33 13.24
N LEU B 131 20.53 3.94 12.15
CA LEU B 131 20.61 3.25 10.87
C LEU B 131 21.99 2.70 10.53
N LYS B 132 23.04 3.14 11.21
CA LYS B 132 24.41 2.82 10.82
C LYS B 132 25.15 2.22 12.02
N THR B 133 25.02 0.92 12.20
CA THR B 133 25.66 0.18 13.29
C THR B 133 26.73 -0.75 12.73
N ARG B 134 27.32 -1.55 13.60
CA ARG B 134 28.34 -2.51 13.24
C ARG B 134 27.83 -3.95 13.18
N GLU B 135 26.58 -4.19 13.55
CA GLU B 135 25.97 -5.51 13.45
C GLU B 135 25.03 -5.63 12.25
N GLY B 136 24.94 -4.60 11.42
CA GLY B 136 24.14 -4.68 10.22
C GLY B 136 22.65 -4.80 10.43
N ASN B 137 22.12 -4.16 11.46
CA ASN B 137 20.67 -4.10 11.67
C ASN B 137 20.33 -2.78 12.35
N VAL B 138 19.06 -2.41 12.26
CA VAL B 138 18.56 -1.16 12.82
C VAL B 138 17.93 -1.47 14.17
N ARG B 139 18.32 -0.70 15.20
CA ARG B 139 17.84 -0.92 16.55
C ARG B 139 17.45 0.42 17.17
N VAL B 140 16.57 0.36 18.17
CA VAL B 140 16.00 1.55 18.79
C VAL B 140 17.11 2.27 19.57
N SER B 141 17.45 3.48 19.12
CA SER B 141 18.43 4.28 19.85
C SER B 141 17.84 4.85 21.13
N ARG B 142 16.61 5.36 21.08
CA ARG B 142 16.04 5.95 22.29
C ARG B 142 14.53 6.04 22.20
N GLU B 143 13.91 6.16 23.38
CA GLU B 143 12.48 6.43 23.54
C GLU B 143 12.30 7.64 24.44
N LEU B 144 11.53 8.62 23.98
CA LEU B 144 11.30 9.86 24.70
C LEU B 144 9.85 9.91 25.15
N ALA B 145 9.63 10.10 26.45
CA ALA B 145 8.32 10.08 27.06
C ALA B 145 8.15 11.28 27.97
N GLY B 146 6.88 11.67 28.19
CA GLY B 146 6.58 12.85 28.98
C GLY B 146 5.36 13.61 28.51
N HIS B 147 4.95 13.41 27.26
CA HIS B 147 3.70 13.98 26.79
C HIS B 147 2.51 13.21 27.37
N THR B 148 1.36 13.87 27.41
CA THR B 148 0.13 13.26 27.89
C THR B 148 -0.93 13.14 26.80
N GLY B 149 -0.53 13.25 25.53
CA GLY B 149 -1.45 13.11 24.42
C GLY B 149 -0.71 12.56 23.22
N TYR B 150 -1.48 12.21 22.19
CA TYR B 150 -0.88 11.61 21.00
C TYR B 150 0.07 12.57 20.31
N LEU B 151 1.20 12.04 19.87
CA LEU B 151 2.19 12.83 19.14
C LEU B 151 1.69 13.12 17.73
N SER B 152 1.88 14.36 17.27
CA SER B 152 1.34 14.74 15.97
C SER B 152 2.37 15.28 14.98
N CYS B 153 3.62 15.50 15.40
CA CYS B 153 4.67 15.97 14.50
C CYS B 153 6.01 15.91 15.22
N CYS B 154 7.08 15.80 14.44
CA CYS B 154 8.43 15.81 14.98
C CYS B 154 9.39 16.19 13.87
N ARG B 155 10.38 17.03 14.20
CA ARG B 155 11.38 17.50 13.24
C ARG B 155 12.74 17.59 13.90
N PHE B 156 13.77 17.18 13.17
CA PHE B 156 15.14 17.20 13.67
C PHE B 156 15.76 18.58 13.53
N LEU B 157 16.63 18.92 14.49
CA LEU B 157 17.50 20.09 14.40
C LEU B 157 18.97 19.71 14.23
N ASP B 158 19.40 18.65 14.90
CA ASP B 158 20.77 18.16 14.86
C ASP B 158 20.73 16.65 15.06
N ASP B 159 21.87 16.07 15.41
CA ASP B 159 21.90 14.66 15.78
C ASP B 159 21.29 14.41 17.16
N ASN B 160 21.33 15.40 18.06
CA ASN B 160 20.85 15.21 19.41
C ASN B 160 20.02 16.40 19.89
N GLN B 161 19.15 16.91 19.02
CA GLN B 161 18.15 17.91 19.40
C GLN B 161 16.92 17.71 18.55
N ILE B 162 15.75 17.57 19.18
CA ILE B 162 14.52 17.32 18.44
C ILE B 162 13.40 18.18 19.00
N VAL B 163 12.37 18.40 18.19
CA VAL B 163 11.20 19.18 18.57
C VAL B 163 9.94 18.38 18.23
N THR B 164 8.97 18.36 19.14
CA THR B 164 7.75 17.59 18.98
C THR B 164 6.54 18.44 19.37
N SER B 165 5.38 18.05 18.84
CA SER B 165 4.11 18.69 19.16
C SER B 165 3.09 17.61 19.50
N SER B 166 2.23 17.89 20.48
CA SER B 166 1.32 16.85 20.96
C SER B 166 -0.09 17.39 21.08
N GLY B 167 -1.03 16.47 21.30
CA GLY B 167 -2.43 16.76 21.49
C GLY B 167 -2.83 17.16 22.89
N ASP B 168 -1.85 17.41 23.77
CA ASP B 168 -2.10 18.02 25.07
C ASP B 168 -1.90 19.53 25.03
N THR B 169 -1.96 20.12 23.83
CA THR B 169 -1.83 21.56 23.61
C THR B 169 -0.43 22.08 23.95
N THR B 170 0.62 21.27 23.75
CA THR B 170 1.98 21.71 24.05
C THR B 170 2.95 21.24 22.98
N CYS B 171 4.04 22.02 22.84
CA CYS B 171 5.19 21.64 22.05
C CYS B 171 6.39 21.53 22.98
N ALA B 172 7.42 20.82 22.54
CA ALA B 172 8.58 20.60 23.41
C ALA B 172 9.85 20.42 22.58
N LEU B 173 10.95 20.92 23.13
CA LEU B 173 12.29 20.72 22.59
C LEU B 173 13.08 19.84 23.54
N TRP B 174 13.62 18.74 23.01
CA TRP B 174 14.30 17.69 23.75
C TRP B 174 15.76 17.58 23.34
N ASP B 175 16.57 17.17 24.30
CA ASP B 175 17.99 16.84 24.12
C ASP B 175 18.11 15.32 24.18
N ILE B 176 18.48 14.71 23.06
CA ILE B 176 18.41 13.27 22.92
C ILE B 176 19.47 12.58 23.79
N GLU B 177 20.66 13.17 23.88
CA GLU B 177 21.77 12.52 24.58
C GLU B 177 21.51 12.34 26.07
N THR B 178 20.59 13.11 26.65
CA THR B 178 20.26 13.00 28.06
C THR B 178 18.89 12.38 28.31
N GLY B 179 17.94 12.58 27.40
CA GLY B 179 16.61 12.02 27.55
C GLY B 179 15.62 12.87 28.30
N GLN B 180 15.93 14.14 28.56
CA GLN B 180 15.10 15.01 29.37
C GLN B 180 14.69 16.23 28.57
N GLN B 181 13.45 16.68 28.78
CA GLN B 181 12.97 17.89 28.11
C GLN B 181 13.85 19.08 28.47
N THR B 182 14.17 19.88 27.45
CA THR B 182 14.89 21.13 27.65
C THR B 182 13.97 22.34 27.65
N THR B 183 13.00 22.41 26.75
CA THR B 183 12.09 23.54 26.72
C THR B 183 10.68 23.07 26.44
N THR B 184 9.70 23.76 27.03
CA THR B 184 8.29 23.48 26.81
C THR B 184 7.58 24.74 26.37
N PHE B 185 6.85 24.66 25.26
CA PHE B 185 6.12 25.80 24.69
C PHE B 185 4.63 25.58 24.89
N THR B 186 4.00 26.52 25.58
CA THR B 186 2.60 26.44 25.98
C THR B 186 1.88 27.74 25.61
N GLY B 187 0.56 27.66 25.45
CA GLY B 187 -0.24 28.83 25.13
C GLY B 187 -1.41 28.55 24.21
N HIS B 188 -1.37 27.43 23.50
CA HIS B 188 -2.49 27.05 22.65
C HIS B 188 -3.66 26.56 23.49
N THR B 189 -4.86 26.72 22.95
CA THR B 189 -6.08 26.28 23.62
C THR B 189 -6.56 24.90 23.16
N GLY B 190 -6.25 24.50 21.93
CA GLY B 190 -6.63 23.20 21.42
C GLY B 190 -5.43 22.40 20.98
N ASP B 191 -5.72 21.21 20.45
CA ASP B 191 -4.67 20.30 20.02
C ASP B 191 -3.87 20.88 18.87
N VAL B 192 -2.55 20.69 18.92
CA VAL B 192 -1.64 21.20 17.91
C VAL B 192 -1.49 20.16 16.82
N MET B 193 -1.56 20.59 15.55
CA MET B 193 -1.69 19.67 14.42
C MET B 193 -0.48 19.62 13.50
N SER B 194 0.45 20.58 13.60
CA SER B 194 1.52 20.63 12.61
C SER B 194 2.62 21.58 13.07
N LEU B 195 3.82 21.34 12.53
CA LEU B 195 5.00 22.16 12.78
C LEU B 195 5.68 22.47 11.45
N SER B 196 6.61 23.42 11.49
CA SER B 196 7.47 23.74 10.35
C SER B 196 8.69 24.47 10.86
N LEU B 197 9.87 24.00 10.50
CA LEU B 197 11.13 24.60 10.92
C LEU B 197 11.63 25.60 9.88
N ALA B 198 12.22 26.69 10.39
CA ALA B 198 12.75 27.73 9.52
C ALA B 198 14.01 27.24 8.82
N PRO B 199 14.34 27.83 7.66
CA PRO B 199 15.57 27.42 6.96
C PRO B 199 16.83 27.57 7.79
N ASP B 200 16.95 28.63 8.57
CA ASP B 200 18.13 28.83 9.43
C ASP B 200 18.00 28.16 10.79
N THR B 201 16.83 27.59 11.10
CA THR B 201 16.58 26.85 12.33
C THR B 201 16.82 27.74 13.56
N ARG B 202 16.02 28.80 13.64
CA ARG B 202 15.97 29.64 14.83
C ARG B 202 14.56 30.02 15.22
N LEU B 203 13.55 29.62 14.44
CA LEU B 203 12.15 29.88 14.74
C LEU B 203 11.33 28.71 14.21
N PHE B 204 10.11 28.57 14.71
CA PHE B 204 9.17 27.64 14.09
C PHE B 204 7.75 28.14 14.28
N VAL B 205 6.81 27.52 13.57
CA VAL B 205 5.41 27.92 13.61
C VAL B 205 4.55 26.71 13.91
N SER B 206 3.41 26.97 14.56
CA SER B 206 2.49 25.91 14.95
C SER B 206 1.06 26.33 14.66
N GLY B 207 0.23 25.36 14.32
CA GLY B 207 -1.18 25.61 14.06
C GLY B 207 -2.05 24.61 14.80
N ALA B 208 -3.11 25.11 15.43
CA ALA B 208 -3.84 24.28 16.36
C ALA B 208 -5.35 24.30 16.07
N CYS B 209 -6.07 23.47 16.79
CA CYS B 209 -7.53 23.34 16.63
C CYS B 209 -8.18 24.42 17.51
N ASP B 210 -7.83 25.67 17.22
CA ASP B 210 -8.53 26.85 17.70
C ASP B 210 -8.59 27.90 16.60
N ALA B 211 -8.36 27.50 15.36
CA ALA B 211 -8.19 28.39 14.22
C ALA B 211 -7.16 29.47 14.55
N SER B 212 -5.96 29.01 14.89
CA SER B 212 -4.91 29.93 15.30
C SER B 212 -3.54 29.34 14.97
N ALA B 213 -2.61 30.23 14.65
CA ALA B 213 -1.21 29.90 14.39
C ALA B 213 -0.34 30.78 15.27
N LYS B 214 0.79 30.23 15.71
CA LYS B 214 1.70 30.96 16.58
C LYS B 214 3.13 30.81 16.09
N LEU B 215 3.92 31.87 16.27
CA LEU B 215 5.34 31.88 15.94
C LEU B 215 6.16 31.78 17.22
N TRP B 216 7.06 30.80 17.26
CA TRP B 216 7.83 30.46 18.46
C TRP B 216 9.32 30.65 18.21
N ASP B 217 9.98 31.27 19.18
CA ASP B 217 11.43 31.31 19.27
C ASP B 217 11.95 30.07 19.97
N VAL B 218 13.16 29.65 19.61
CA VAL B 218 13.73 28.42 20.13
C VAL B 218 14.62 28.67 21.34
N ARG B 219 15.54 29.62 21.24
CA ARG B 219 16.51 29.85 22.30
C ARG B 219 15.90 30.53 23.53
N GLU B 220 14.68 31.05 23.42
CA GLU B 220 14.05 31.78 24.51
C GLU B 220 12.89 31.02 25.15
N GLY B 221 11.94 30.56 24.34
CA GLY B 221 10.78 29.86 24.85
C GLY B 221 9.52 30.68 24.98
N MET B 222 9.38 31.74 24.18
CA MET B 222 8.25 32.65 24.29
C MET B 222 7.58 32.80 22.93
N CYS B 223 6.33 33.24 22.95
CA CYS B 223 5.55 33.47 21.74
C CYS B 223 5.84 34.86 21.20
N ARG B 224 6.17 34.94 19.91
CA ARG B 224 6.45 36.22 19.27
C ARG B 224 5.20 36.86 18.69
N GLN B 225 4.46 36.13 17.86
CA GLN B 225 3.27 36.66 17.20
C GLN B 225 2.22 35.57 17.08
N THR B 226 0.97 36.03 17.01
CA THR B 226 -0.19 35.16 16.86
C THR B 226 -0.96 35.57 15.61
N PHE B 227 -1.33 34.60 14.79
CA PHE B 227 -2.01 34.82 13.52
C PHE B 227 -3.38 34.16 13.56
N THR B 228 -4.41 34.92 13.22
CA THR B 228 -5.79 34.46 13.21
C THR B 228 -6.47 34.94 11.94
N GLY B 229 -7.62 34.35 11.64
CA GLY B 229 -8.34 34.68 10.43
C GLY B 229 -9.03 33.50 9.77
N HIS B 230 -8.52 32.30 9.99
CA HIS B 230 -9.23 31.10 9.57
C HIS B 230 -10.50 30.94 10.41
N GLU B 231 -11.37 30.02 9.99
CA GLU B 231 -12.63 29.80 10.68
C GLU B 231 -12.86 28.34 11.04
N SER B 232 -11.82 27.51 10.98
CA SER B 232 -11.96 26.10 11.32
C SER B 232 -10.58 25.54 11.66
N ASP B 233 -10.49 24.21 11.75
CA ASP B 233 -9.25 23.54 12.10
C ASP B 233 -8.17 23.80 11.05
N ILE B 234 -6.91 23.72 11.49
CA ILE B 234 -5.75 23.92 10.62
C ILE B 234 -4.97 22.62 10.57
N ASN B 235 -4.75 22.09 9.36
CA ASN B 235 -4.12 20.79 9.20
C ASN B 235 -2.72 20.81 8.60
N ALA B 236 -2.27 21.94 8.05
CA ALA B 236 -0.97 21.97 7.39
C ALA B 236 -0.35 23.36 7.49
N ILE B 237 0.96 23.41 7.32
CA ILE B 237 1.72 24.65 7.46
C ILE B 237 3.08 24.46 6.82
N CYS B 238 3.67 25.55 6.30
CA CYS B 238 5.00 25.52 5.73
C CYS B 238 5.53 26.94 5.54
N PHE B 239 6.85 27.06 5.39
CA PHE B 239 7.51 28.33 5.13
C PHE B 239 7.75 28.61 3.64
N PHE B 240 7.68 29.88 3.28
CA PHE B 240 8.21 30.37 2.02
C PHE B 240 9.72 30.12 1.98
N PRO B 241 10.30 29.96 0.79
CA PRO B 241 11.72 29.57 0.72
C PRO B 241 12.69 30.48 1.45
N ASN B 242 12.44 31.79 1.51
CA ASN B 242 13.38 32.71 2.12
C ASN B 242 13.10 32.96 3.60
N GLY B 243 12.17 32.23 4.20
CA GLY B 243 11.91 32.34 5.62
C GLY B 243 11.34 33.67 6.06
N ASN B 244 10.40 34.23 5.32
CA ASN B 244 9.76 35.48 5.72
C ASN B 244 8.25 35.45 5.56
N ALA B 245 7.64 34.30 5.19
CA ALA B 245 6.21 34.16 5.07
C ALA B 245 5.87 32.70 5.24
N PHE B 246 4.59 32.42 5.52
CA PHE B 246 4.19 31.02 5.64
C PHE B 246 2.76 30.87 5.12
N ALA B 247 2.37 29.63 4.87
CA ALA B 247 1.06 29.32 4.32
C ALA B 247 0.35 28.31 5.21
N THR B 248 -0.97 28.44 5.29
CA THR B 248 -1.78 27.58 6.14
C THR B 248 -2.93 26.99 5.33
N GLY B 249 -3.34 25.79 5.72
CA GLY B 249 -4.43 25.08 5.07
C GLY B 249 -5.42 24.48 6.05
N SER B 250 -6.69 24.84 5.92
CA SER B 250 -7.75 24.44 6.84
C SER B 250 -8.66 23.41 6.17
N ASP B 251 -9.65 22.95 6.93
CA ASP B 251 -10.69 22.08 6.41
C ASP B 251 -11.95 22.85 6.02
N ASP B 252 -11.88 24.18 5.99
CA ASP B 252 -12.92 25.00 5.41
C ASP B 252 -12.70 25.23 3.92
N ALA B 253 -11.74 24.51 3.33
CA ALA B 253 -11.48 24.51 1.88
C ALA B 253 -10.85 25.82 1.39
N THR B 254 -9.99 26.42 2.21
CA THR B 254 -9.21 27.58 1.80
C THR B 254 -7.76 27.41 2.25
N CYS B 255 -6.85 28.03 1.51
CA CYS B 255 -5.48 28.23 1.98
C CYS B 255 -5.23 29.71 2.13
N ARG B 256 -4.24 30.07 2.94
CA ARG B 256 -3.95 31.47 3.19
C ARG B 256 -2.45 31.70 3.32
N LEU B 257 -2.01 32.91 2.96
CA LEU B 257 -0.61 33.30 3.04
C LEU B 257 -0.45 34.43 4.05
N PHE B 258 0.39 34.20 5.06
CA PHE B 258 0.66 35.17 6.12
C PHE B 258 2.10 35.64 6.04
N ASP B 259 2.32 36.89 6.45
CA ASP B 259 3.63 37.53 6.43
C ASP B 259 4.01 37.94 7.84
N LEU B 260 5.29 37.83 8.15
CA LEU B 260 5.76 38.05 9.53
C LEU B 260 5.95 39.53 9.83
N ARG B 261 6.76 40.23 9.02
CA ARG B 261 7.05 41.63 9.29
C ARG B 261 5.80 42.49 9.16
N ALA B 262 5.04 42.31 8.07
CA ALA B 262 3.81 43.06 7.91
C ALA B 262 2.76 42.64 8.92
N ASP B 263 2.83 41.40 9.42
CA ASP B 263 1.98 40.90 10.50
C ASP B 263 0.53 40.76 10.04
N GLN B 264 0.30 40.66 8.74
CA GLN B 264 -1.05 40.58 8.21
C GLN B 264 -1.25 39.34 7.33
N GLU B 265 -2.40 39.28 6.67
CA GLU B 265 -2.74 38.23 5.72
C GLU B 265 -2.72 38.80 4.31
N LEU B 266 -2.07 38.10 3.38
CA LEU B 266 -1.85 38.63 2.05
C LEU B 266 -2.85 38.12 1.02
N MET B 267 -2.95 36.80 0.85
CA MET B 267 -3.81 36.24 -0.19
C MET B 267 -4.48 34.96 0.30
N THR B 268 -5.67 34.70 -0.24
CA THR B 268 -6.46 33.52 0.04
C THR B 268 -6.65 32.73 -1.23
N TYR B 269 -6.44 31.42 -1.17
CA TYR B 269 -6.58 30.52 -2.30
C TYR B 269 -7.80 29.64 -2.07
N SER B 270 -8.86 29.90 -2.85
CA SER B 270 -10.10 29.16 -2.75
C SER B 270 -10.83 29.25 -4.09
N HIS B 271 -11.64 28.23 -4.37
CA HIS B 271 -12.42 28.15 -5.60
C HIS B 271 -13.85 27.77 -5.25
N ASP B 272 -14.79 28.28 -6.05
CA ASP B 272 -16.21 28.08 -5.77
C ASP B 272 -16.70 26.67 -6.01
N ASN B 273 -15.87 25.78 -6.57
CA ASN B 273 -16.27 24.41 -6.85
C ASN B 273 -15.56 23.39 -5.96
N ILE B 274 -14.93 23.85 -4.86
CA ILE B 274 -14.22 22.98 -3.94
C ILE B 274 -14.91 23.08 -2.57
N ILE B 275 -15.36 21.93 -2.07
CA ILE B 275 -16.08 21.87 -0.80
C ILE B 275 -15.47 20.83 0.11
N CYS B 276 -14.19 20.50 -0.12
CA CYS B 276 -13.49 19.49 0.65
C CYS B 276 -12.28 20.11 1.34
N GLY B 277 -11.86 19.49 2.44
CA GLY B 277 -10.74 20.02 3.20
C GLY B 277 -9.40 19.73 2.56
N ILE B 278 -8.36 20.32 3.16
CA ILE B 278 -7.00 20.23 2.66
C ILE B 278 -6.16 19.45 3.65
N THR B 279 -5.32 18.55 3.13
CA THR B 279 -4.53 17.67 3.98
C THR B 279 -3.07 18.08 4.10
N SER B 280 -2.51 18.73 3.08
CA SER B 280 -1.09 19.10 3.12
C SER B 280 -0.83 20.20 2.09
N VAL B 281 0.22 20.99 2.35
CA VAL B 281 0.66 22.04 1.44
C VAL B 281 2.18 21.98 1.33
N SER B 282 2.71 22.63 0.30
CA SER B 282 4.16 22.72 0.09
C SER B 282 4.42 23.79 -0.97
N PHE B 283 5.68 24.20 -1.07
CA PHE B 283 6.11 25.22 -2.00
C PHE B 283 7.07 24.60 -3.02
N SER B 284 7.53 25.43 -3.95
CA SER B 284 8.55 25.05 -4.93
C SER B 284 9.88 25.68 -4.54
N LYS B 285 10.90 25.41 -5.35
CA LYS B 285 12.24 25.88 -5.01
C LYS B 285 12.35 27.39 -5.09
N SER B 286 11.71 28.00 -6.08
CA SER B 286 11.67 29.45 -6.21
C SER B 286 10.52 30.10 -5.46
N GLY B 287 9.55 29.31 -4.98
CA GLY B 287 8.40 29.85 -4.30
C GLY B 287 7.30 30.37 -5.18
N ARG B 288 7.35 30.11 -6.49
CA ARG B 288 6.35 30.62 -7.41
C ARG B 288 5.13 29.73 -7.52
N LEU B 289 5.27 28.43 -7.28
CA LEU B 289 4.16 27.49 -7.34
C LEU B 289 3.84 27.01 -5.94
N LEU B 290 2.54 26.88 -5.64
CA LEU B 290 2.08 26.33 -4.37
C LEU B 290 1.26 25.09 -4.66
N LEU B 291 1.53 24.00 -3.94
CA LEU B 291 0.88 22.72 -4.19
C LEU B 291 0.02 22.33 -2.99
N ALA B 292 -1.15 21.77 -3.26
CA ALA B 292 -2.04 21.37 -2.18
C ALA B 292 -2.74 20.06 -2.53
N GLY B 293 -3.07 19.30 -1.50
CA GLY B 293 -3.74 18.01 -1.64
C GLY B 293 -5.06 18.01 -0.90
N TYR B 294 -6.08 17.45 -1.54
CA TYR B 294 -7.46 17.54 -1.08
C TYR B 294 -8.02 16.15 -0.79
N ASP B 295 -9.24 16.13 -0.26
CA ASP B 295 -9.92 14.90 0.15
C ASP B 295 -10.64 14.19 -0.98
N ASP B 296 -10.61 14.74 -2.19
CA ASP B 296 -11.27 14.13 -3.34
C ASP B 296 -10.27 13.49 -4.31
N PHE B 297 -9.17 12.98 -3.77
CA PHE B 297 -8.06 12.38 -4.51
C PHE B 297 -7.67 13.21 -5.74
N ASN B 298 -7.23 14.43 -5.46
CA ASN B 298 -6.67 15.31 -6.48
C ASN B 298 -5.64 16.22 -5.82
N CYS B 299 -4.75 16.77 -6.65
CA CYS B 299 -3.79 17.77 -6.20
C CYS B 299 -3.88 18.98 -7.10
N ASN B 300 -3.74 20.16 -6.51
CA ASN B 300 -3.83 21.41 -7.25
C ASN B 300 -2.53 22.19 -7.16
N VAL B 301 -2.12 22.77 -8.28
CA VAL B 301 -0.95 23.64 -8.37
C VAL B 301 -1.44 25.04 -8.68
N TRP B 302 -1.23 25.95 -7.73
CA TRP B 302 -1.63 27.35 -7.80
C TRP B 302 -0.44 28.23 -8.11
N ASP B 303 -0.70 29.32 -8.83
CA ASP B 303 0.26 30.41 -9.00
C ASP B 303 0.24 31.27 -7.74
N ALA B 304 1.35 31.29 -7.01
CA ALA B 304 1.39 31.89 -5.68
C ALA B 304 1.36 33.40 -5.69
N LEU B 305 1.57 34.04 -6.84
CA LEU B 305 1.58 35.50 -6.90
C LEU B 305 0.31 36.08 -7.51
N LYS B 306 -0.60 35.25 -8.01
CA LYS B 306 -1.82 35.74 -8.64
C LYS B 306 -3.09 35.05 -8.14
N ALA B 307 -2.99 33.91 -7.46
CA ALA B 307 -4.13 33.10 -7.02
C ALA B 307 -4.94 32.62 -8.22
N ASP B 308 -4.26 31.93 -9.13
CA ASP B 308 -4.88 31.27 -10.26
C ASP B 308 -4.51 29.80 -10.25
N ARG B 309 -5.45 28.95 -10.67
CA ARG B 309 -5.16 27.53 -10.81
C ARG B 309 -4.32 27.32 -12.06
N ALA B 310 -3.11 26.79 -11.87
CA ALA B 310 -2.18 26.60 -12.97
C ALA B 310 -1.97 25.15 -13.33
N GLY B 311 -2.46 24.21 -12.54
CA GLY B 311 -2.40 22.82 -12.97
C GLY B 311 -3.07 21.89 -11.98
N VAL B 312 -3.24 20.65 -12.43
CA VAL B 312 -3.86 19.60 -11.64
C VAL B 312 -3.00 18.34 -11.74
N LEU B 313 -2.98 17.57 -10.66
CA LEU B 313 -2.36 16.26 -10.60
C LEU B 313 -3.43 15.25 -10.21
N ALA B 314 -3.68 14.28 -11.09
CA ALA B 314 -4.67 13.23 -10.85
C ALA B 314 -4.07 11.89 -11.22
N GLY B 315 -4.58 10.84 -10.58
CA GLY B 315 -4.05 9.51 -10.78
C GLY B 315 -4.08 8.64 -9.55
N HIS B 316 -4.43 9.22 -8.40
CA HIS B 316 -4.63 8.44 -7.19
C HIS B 316 -6.09 8.02 -7.09
N ASP B 317 -6.39 7.15 -6.12
CA ASP B 317 -7.68 6.47 -6.09
C ASP B 317 -8.54 6.77 -4.87
N ASN B 318 -7.96 7.02 -3.69
CA ASN B 318 -8.78 7.16 -2.50
C ASN B 318 -8.68 8.57 -1.90
N ARG B 319 -7.51 8.99 -1.44
CA ARG B 319 -7.39 10.28 -0.77
C ARG B 319 -5.92 10.65 -0.59
N VAL B 320 -5.52 11.85 -1.02
CA VAL B 320 -4.12 12.25 -1.00
C VAL B 320 -3.78 12.75 0.39
N SER B 321 -2.94 12.02 1.11
CA SER B 321 -2.64 12.32 2.50
C SER B 321 -1.32 13.05 2.73
N CYS B 322 -0.36 12.98 1.80
CA CYS B 322 0.91 13.65 2.07
C CYS B 322 1.63 14.01 0.78
N LEU B 323 2.47 15.06 0.86
CA LEU B 323 3.19 15.62 -0.27
C LEU B 323 4.62 15.93 0.15
N GLY B 324 5.50 16.06 -0.86
CA GLY B 324 6.86 16.50 -0.61
C GLY B 324 7.64 16.92 -1.85
N VAL B 325 8.47 17.95 -1.73
CA VAL B 325 9.30 18.45 -2.81
C VAL B 325 10.75 18.40 -2.38
N THR B 326 11.63 17.95 -3.28
CA THR B 326 13.03 17.76 -2.95
C THR B 326 13.75 19.10 -2.78
N ASP B 327 14.96 19.04 -2.23
CA ASP B 327 15.78 20.24 -2.02
C ASP B 327 16.45 20.73 -3.29
N ASP B 328 16.08 20.20 -4.46
CA ASP B 328 16.52 20.73 -5.74
C ASP B 328 15.38 21.15 -6.64
N GLY B 329 14.13 20.93 -6.23
CA GLY B 329 13.00 21.23 -7.08
C GLY B 329 12.92 20.38 -8.33
N MET B 330 13.33 19.12 -8.24
CA MET B 330 13.36 18.24 -9.40
C MET B 330 12.30 17.15 -9.40
N ALA B 331 11.63 16.92 -8.29
CA ALA B 331 10.55 15.93 -8.25
C ALA B 331 9.57 16.28 -7.14
N VAL B 332 8.35 15.78 -7.28
CA VAL B 332 7.33 15.86 -6.25
C VAL B 332 6.84 14.46 -5.94
N ALA B 333 6.66 14.16 -4.66
CA ALA B 333 6.18 12.85 -4.26
C ALA B 333 4.87 12.99 -3.50
N THR B 334 3.89 12.15 -3.86
CA THR B 334 2.59 12.13 -3.20
C THR B 334 2.30 10.75 -2.66
N GLY B 335 1.64 10.72 -1.50
CA GLY B 335 1.20 9.48 -0.89
C GLY B 335 -0.25 9.55 -0.47
N SER B 336 -1.00 8.47 -0.70
CA SER B 336 -2.45 8.48 -0.55
C SER B 336 -2.91 7.23 0.17
N TRP B 337 -4.23 7.17 0.41
CA TRP B 337 -4.86 6.10 1.19
C TRP B 337 -5.00 4.79 0.44
N ASP B 338 -4.65 4.74 -0.84
CA ASP B 338 -4.70 3.50 -1.61
C ASP B 338 -3.38 2.74 -1.56
N SER B 339 -2.48 3.12 -0.64
CA SER B 339 -1.23 2.43 -0.29
C SER B 339 -0.13 2.55 -1.34
N PHE B 340 -0.20 3.54 -2.23
CA PHE B 340 0.86 3.75 -3.21
C PHE B 340 1.48 5.13 -3.03
N LEU B 341 2.75 5.22 -3.39
CA LEU B 341 3.48 6.48 -3.50
C LEU B 341 3.79 6.73 -4.96
N LYS B 342 3.70 7.99 -5.39
CA LYS B 342 3.94 8.34 -6.78
C LYS B 342 4.88 9.53 -6.88
N ILE B 343 5.73 9.50 -7.90
CA ILE B 343 6.74 10.54 -8.14
C ILE B 343 6.43 11.20 -9.47
N TRP B 344 6.28 12.52 -9.43
CA TRP B 344 5.93 13.33 -10.59
C TRP B 344 7.06 14.29 -10.91
N ASN B 345 7.25 14.55 -12.19
CA ASN B 345 8.36 15.36 -12.64
C ASN B 345 8.03 16.06 -13.97
N VAL C 1 32.12 -8.51 16.75
CA VAL C 1 32.35 -9.08 15.43
C VAL C 1 33.57 -9.98 15.46
N GLN C 2 33.40 -11.22 15.02
CA GLN C 2 34.50 -12.17 15.02
C GLN C 2 34.22 -13.30 14.05
N LEU C 3 35.24 -13.67 13.28
CA LEU C 3 35.20 -14.80 12.36
C LEU C 3 36.37 -15.71 12.69
N VAL C 4 36.10 -17.00 12.95
CA VAL C 4 37.14 -17.94 13.33
C VAL C 4 37.10 -19.13 12.37
N GLU C 5 38.22 -19.43 11.75
CA GLU C 5 38.30 -20.50 10.76
C GLU C 5 38.99 -21.73 11.32
N SER C 6 38.73 -22.87 10.68
CA SER C 6 39.37 -24.13 11.07
C SER C 6 39.31 -25.09 9.90
N GLY C 7 40.17 -26.11 9.95
CA GLY C 7 40.19 -27.15 8.94
C GLY C 7 41.49 -27.24 8.17
N GLY C 8 42.52 -26.55 8.63
CA GLY C 8 43.81 -26.57 7.95
C GLY C 8 44.65 -27.76 8.35
N GLY C 9 45.76 -27.93 7.62
CA GLY C 9 46.66 -29.04 7.91
C GLY C 9 47.55 -29.46 6.76
N LEU C 10 47.82 -30.76 6.69
CA LEU C 10 48.70 -31.34 5.68
C LEU C 10 47.99 -32.51 5.02
N VAL C 11 47.99 -32.56 3.70
CA VAL C 11 47.28 -33.57 2.92
C VAL C 11 48.22 -34.15 1.88
N GLN C 12 47.67 -35.06 1.06
CA GLN C 12 48.35 -35.69 -0.06
C GLN C 12 47.67 -35.31 -1.36
N PRO C 13 48.38 -35.33 -2.49
CA PRO C 13 47.75 -35.01 -3.77
C PRO C 13 46.58 -35.94 -4.06
N GLY C 14 45.52 -35.37 -4.62
CA GLY C 14 44.30 -36.11 -4.90
C GLY C 14 43.35 -36.25 -3.73
N GLY C 15 43.69 -35.70 -2.56
CA GLY C 15 42.87 -35.83 -1.38
C GLY C 15 41.70 -34.86 -1.38
N SER C 16 40.98 -34.87 -0.27
CA SER C 16 39.85 -33.98 -0.07
C SER C 16 39.90 -33.42 1.35
N ARG C 17 39.23 -32.28 1.53
CA ARG C 17 39.23 -31.61 2.82
C ARG C 17 38.03 -30.69 2.90
N LYS C 18 37.70 -30.28 4.13
CA LYS C 18 36.58 -29.40 4.41
C LYS C 18 37.03 -28.32 5.39
N LEU C 19 36.90 -27.06 4.99
CA LEU C 19 37.19 -25.92 5.83
C LEU C 19 35.89 -25.34 6.36
N SER C 20 35.91 -24.94 7.64
CA SER C 20 34.73 -24.39 8.30
C SER C 20 35.07 -23.04 8.91
N CYS C 21 34.05 -22.20 9.06
CA CYS C 21 34.21 -20.87 9.63
C CYS C 21 32.99 -20.54 10.48
N SER C 22 33.24 -20.11 11.71
CA SER C 22 32.19 -19.76 12.67
C SER C 22 32.20 -18.26 12.92
N ALA C 23 31.02 -17.65 12.85
CA ALA C 23 30.84 -16.22 13.03
C ALA C 23 30.13 -15.90 14.33
N SER C 24 30.49 -14.75 14.92
CA SER C 24 29.95 -14.38 16.23
C SER C 24 29.94 -12.87 16.35
N GLY C 25 28.77 -12.29 16.56
CA GLY C 25 28.66 -10.86 16.88
C GLY C 25 27.91 -10.01 15.88
N PHE C 26 27.38 -10.56 14.79
CA PHE C 26 26.60 -9.76 13.84
C PHE C 26 25.52 -10.64 13.24
N ALA C 27 24.72 -10.04 12.36
CA ALA C 27 23.60 -10.73 11.70
C ALA C 27 24.14 -11.51 10.52
N PHE C 28 24.48 -12.78 10.77
CA PHE C 28 25.16 -13.59 9.75
C PHE C 28 24.29 -13.82 8.52
N SER C 29 22.97 -13.74 8.64
CA SER C 29 22.08 -14.06 7.53
C SER C 29 21.76 -12.87 6.65
N SER C 30 22.38 -11.73 6.89
CA SER C 30 22.21 -10.54 6.06
C SER C 30 23.43 -10.23 5.21
N PHE C 31 24.52 -10.99 5.37
CA PHE C 31 25.76 -10.77 4.66
C PHE C 31 26.02 -11.89 3.67
N GLY C 32 26.65 -11.55 2.54
CA GLY C 32 27.25 -12.53 1.69
C GLY C 32 28.70 -12.76 2.05
N MET C 33 29.26 -13.89 1.61
CA MET C 33 30.59 -14.27 2.06
C MET C 33 31.48 -14.62 0.88
N HIS C 34 32.78 -14.33 1.05
CA HIS C 34 33.82 -14.61 0.07
C HIS C 34 34.91 -15.46 0.71
N TRP C 35 35.49 -16.37 -0.08
CA TRP C 35 36.70 -17.08 0.28
C TRP C 35 37.82 -16.54 -0.60
N VAL C 36 38.90 -16.07 0.05
CA VAL C 36 40.05 -15.45 -0.59
C VAL C 36 41.31 -16.20 -0.13
N ARG C 37 42.36 -16.15 -0.95
CA ARG C 37 43.50 -17.04 -0.81
C ARG C 37 44.81 -16.27 -0.97
N GLN C 38 45.83 -16.67 -0.22
CA GLN C 38 47.16 -16.08 -0.33
C GLN C 38 48.21 -17.17 -0.36
N ALA C 39 49.04 -17.15 -1.40
CA ALA C 39 50.12 -18.13 -1.56
C ALA C 39 51.33 -17.71 -0.73
N PRO C 40 52.22 -18.67 -0.41
CA PRO C 40 53.41 -18.32 0.37
C PRO C 40 54.34 -17.38 -0.37
N GLU C 41 54.55 -16.18 0.20
CA GLU C 41 55.41 -15.15 -0.37
C GLU C 41 54.89 -14.70 -1.74
N LYS C 42 53.59 -14.43 -1.82
CA LYS C 42 52.94 -13.96 -3.03
C LYS C 42 51.86 -12.98 -2.63
N GLY C 43 50.97 -12.66 -3.56
CA GLY C 43 49.85 -11.76 -3.32
C GLY C 43 48.53 -12.48 -3.22
N LEU C 44 47.49 -11.68 -2.98
CA LEU C 44 46.15 -12.21 -2.77
C LEU C 44 45.50 -12.61 -4.09
N GLU C 45 44.47 -13.45 -4.00
CA GLU C 45 43.62 -13.76 -5.14
C GLU C 45 42.32 -14.38 -4.64
N TRP C 46 41.26 -14.17 -5.41
CA TRP C 46 39.89 -14.49 -5.04
C TRP C 46 39.52 -15.90 -5.47
N VAL C 47 38.71 -16.58 -4.65
CA VAL C 47 38.41 -17.99 -4.82
C VAL C 47 36.92 -18.26 -5.02
N ALA C 48 36.07 -17.71 -4.15
CA ALA C 48 34.65 -18.04 -4.32
C ALA C 48 33.74 -17.06 -3.60
N TYR C 49 32.48 -17.01 -4.06
CA TYR C 49 31.46 -16.11 -3.52
C TYR C 49 30.13 -16.82 -3.38
N ILE C 50 29.47 -16.62 -2.23
CA ILE C 50 28.10 -17.08 -2.01
C ILE C 50 27.29 -15.94 -1.38
N SER C 51 26.06 -15.76 -1.87
CA SER C 51 25.27 -14.59 -1.54
C SER C 51 24.30 -14.87 -0.39
N SER C 52 23.63 -13.81 0.04
CA SER C 52 22.68 -13.89 1.15
C SER C 52 21.37 -14.49 0.66
N GLY C 53 21.01 -15.65 1.20
CA GLY C 53 19.88 -16.40 0.72
C GLY C 53 20.23 -17.52 -0.25
N SER C 54 21.53 -17.78 -0.47
CA SER C 54 22.01 -18.83 -1.35
C SER C 54 21.51 -18.68 -2.79
N GLY C 55 21.14 -17.45 -3.18
CA GLY C 55 20.58 -17.27 -4.50
C GLY C 55 21.59 -17.41 -5.62
N THR C 56 22.78 -16.82 -5.46
CA THR C 56 23.80 -16.83 -6.50
C THR C 56 25.11 -17.35 -5.92
N ILE C 57 25.86 -18.05 -6.76
CA ILE C 57 27.15 -18.64 -6.38
C ILE C 57 28.12 -18.40 -7.52
N TYR C 58 29.33 -17.95 -7.20
CA TYR C 58 30.35 -17.69 -8.20
C TYR C 58 31.65 -18.37 -7.81
N TYR C 59 32.36 -18.89 -8.80
CA TYR C 59 33.64 -19.55 -8.63
C TYR C 59 34.68 -18.87 -9.51
N ALA C 60 35.92 -19.30 -9.36
CA ALA C 60 37.00 -18.90 -10.25
C ALA C 60 37.24 -20.00 -11.28
N ASP C 61 38.01 -19.66 -12.32
CA ASP C 61 38.24 -20.61 -13.41
C ASP C 61 39.19 -21.73 -13.04
N THR C 62 40.04 -21.54 -12.03
CA THR C 62 40.98 -22.57 -11.61
C THR C 62 40.43 -23.44 -10.50
N VAL C 63 39.20 -23.22 -10.05
CA VAL C 63 38.58 -24.00 -8.98
C VAL C 63 37.22 -24.53 -9.37
N LYS C 64 36.74 -24.26 -10.58
CA LYS C 64 35.42 -24.71 -11.00
C LYS C 64 35.41 -26.23 -11.16
N GLY C 65 34.40 -26.88 -10.57
CA GLY C 65 34.25 -28.31 -10.69
C GLY C 65 34.89 -29.12 -9.58
N ARG C 66 35.78 -28.51 -8.79
CA ARG C 66 36.43 -29.19 -7.68
C ARG C 66 36.02 -28.66 -6.32
N PHE C 67 35.85 -27.35 -6.18
CA PHE C 67 35.50 -26.71 -4.92
C PHE C 67 34.00 -26.47 -4.84
N THR C 68 33.50 -26.39 -3.61
CA THR C 68 32.07 -26.14 -3.38
C THR C 68 31.91 -25.30 -2.12
N ILE C 69 30.94 -24.39 -2.14
CA ILE C 69 30.74 -23.44 -1.05
C ILE C 69 29.32 -23.57 -0.52
N SER C 70 29.17 -23.40 0.80
CA SER C 70 27.84 -23.50 1.40
C SER C 70 27.79 -22.74 2.72
N ARG C 71 26.57 -22.49 3.19
CA ARG C 71 26.35 -21.81 4.45
C ARG C 71 25.23 -22.48 5.24
N ASP C 72 25.35 -22.45 6.56
CA ASP C 72 24.34 -22.96 7.50
C ASP C 72 23.96 -21.81 8.43
N ASP C 73 22.75 -21.28 8.23
CA ASP C 73 22.37 -20.02 8.87
C ASP C 73 21.91 -20.22 10.32
N PRO C 74 21.04 -21.22 10.65
CA PRO C 74 20.79 -21.49 12.05
C PRO C 74 22.03 -21.66 12.92
N LYS C 75 23.06 -22.32 12.41
CA LYS C 75 24.27 -22.57 13.17
C LYS C 75 25.35 -21.52 12.97
N ASN C 76 25.16 -20.58 12.03
CA ASN C 76 26.08 -19.47 11.80
C ASN C 76 27.45 -19.97 11.33
N THR C 77 27.46 -20.81 10.29
CA THR C 77 28.70 -21.41 9.85
C THR C 77 28.80 -21.36 8.32
N LEU C 78 30.04 -21.29 7.82
CA LEU C 78 30.33 -21.33 6.40
C LEU C 78 31.26 -22.51 6.11
N PHE C 79 31.04 -23.19 4.99
CA PHE C 79 31.80 -24.38 4.63
C PHE C 79 32.38 -24.25 3.22
N LEU C 80 33.61 -24.74 3.05
CA LEU C 80 34.24 -24.92 1.74
C LEU C 80 34.73 -26.35 1.63
N GLN C 81 34.28 -27.05 0.60
CA GLN C 81 34.67 -28.43 0.36
C GLN C 81 35.61 -28.47 -0.85
N MET C 82 36.71 -29.22 -0.71
CA MET C 82 37.81 -29.19 -1.65
C MET C 82 38.19 -30.61 -2.01
N THR C 83 38.29 -30.91 -3.31
CA THR C 83 38.67 -32.23 -3.77
C THR C 83 39.68 -32.12 -4.90
N SER C 84 40.38 -33.22 -5.17
CA SER C 84 41.38 -33.32 -6.23
C SER C 84 42.48 -32.28 -6.04
N LEU C 85 43.07 -32.26 -4.84
CA LEU C 85 44.04 -31.26 -4.48
C LEU C 85 45.32 -31.41 -5.29
N ARG C 86 46.06 -30.31 -5.41
CA ARG C 86 47.29 -30.24 -6.19
C ARG C 86 48.34 -29.51 -5.38
N SER C 87 49.56 -29.45 -5.94
CA SER C 87 50.66 -28.72 -5.30
C SER C 87 50.51 -27.21 -5.43
N GLU C 88 49.58 -26.74 -6.25
CA GLU C 88 49.34 -25.32 -6.44
C GLU C 88 48.29 -24.77 -5.48
N ASP C 89 47.79 -25.58 -4.56
CA ASP C 89 46.77 -25.15 -3.61
C ASP C 89 47.30 -24.92 -2.21
N THR C 90 48.61 -25.04 -1.98
CA THR C 90 49.19 -24.82 -0.67
C THR C 90 49.20 -23.33 -0.36
N ALA C 91 48.44 -22.92 0.65
CA ALA C 91 48.22 -21.49 0.86
C ALA C 91 47.51 -21.25 2.18
N MET C 92 47.29 -19.96 2.47
CA MET C 92 46.51 -19.51 3.61
C MET C 92 45.16 -18.99 3.12
N TYR C 93 44.10 -19.36 3.81
CA TYR C 93 42.73 -19.08 3.39
C TYR C 93 41.96 -18.20 4.36
N TYR C 94 41.32 -17.16 3.81
CA TYR C 94 40.65 -16.11 4.55
C TYR C 94 39.18 -16.07 4.16
N CYS C 95 38.34 -15.69 5.13
CA CYS C 95 36.90 -15.58 4.96
C CYS C 95 36.49 -14.14 5.16
N VAL C 96 35.68 -13.60 4.25
CA VAL C 96 35.34 -12.18 4.24
C VAL C 96 33.83 -12.02 4.16
N ARG C 97 33.33 -10.95 4.78
CA ARG C 97 31.90 -10.64 4.85
C ARG C 97 31.61 -9.38 4.04
N SER C 98 30.45 -9.36 3.38
CA SER C 98 30.14 -8.30 2.44
C SER C 98 28.64 -8.03 2.43
N ILE C 99 28.24 -6.76 2.38
CA ILE C 99 26.84 -6.38 2.33
C ILE C 99 26.65 -5.31 1.26
N TYR C 100 25.62 -5.47 0.43
CA TYR C 100 25.41 -4.63 -0.74
C TYR C 100 24.05 -3.94 -0.65
N TYR C 101 24.08 -2.61 -0.62
CA TYR C 101 22.92 -1.74 -0.82
C TYR C 101 23.48 -0.34 -1.06
N TYR C 102 22.59 0.61 -1.32
CA TYR C 102 23.02 1.94 -1.78
C TYR C 102 23.75 2.66 -0.66
N GLY C 103 25.07 2.70 -0.73
CA GLY C 103 25.89 3.45 0.19
C GLY C 103 26.68 2.65 1.22
N SER C 104 26.86 1.34 1.01
CA SER C 104 27.47 0.48 2.02
C SER C 104 28.98 0.39 1.83
N SER C 105 29.62 -0.46 2.63
CA SER C 105 31.05 -0.72 2.59
C SER C 105 31.25 -2.23 2.64
N PRO C 106 31.56 -2.88 1.52
CA PRO C 106 31.37 -4.33 1.43
C PRO C 106 32.53 -5.24 1.84
N PHE C 107 33.72 -4.73 2.15
CA PHE C 107 34.85 -5.58 2.54
C PHE C 107 35.49 -5.12 3.84
N ASP C 108 34.66 -4.83 4.84
CA ASP C 108 35.16 -4.12 6.01
C ASP C 108 35.82 -5.04 7.04
N PHE C 109 35.45 -6.33 7.10
CA PHE C 109 36.02 -7.21 8.10
C PHE C 109 36.59 -8.47 7.46
N TRP C 110 37.80 -8.84 7.87
CA TRP C 110 38.48 -10.06 7.43
C TRP C 110 38.70 -10.98 8.61
N GLY C 111 38.78 -12.28 8.32
CA GLY C 111 39.05 -13.28 9.33
C GLY C 111 40.53 -13.37 9.61
N GLN C 112 40.97 -14.55 10.07
CA GLN C 112 42.36 -14.75 10.48
C GLN C 112 43.10 -15.83 9.71
N GLY C 113 42.40 -16.69 8.98
CA GLY C 113 43.03 -17.57 8.00
C GLY C 113 43.42 -18.91 8.58
N THR C 114 43.53 -19.90 7.69
CA THR C 114 44.05 -21.22 8.03
C THR C 114 45.04 -21.66 6.97
N THR C 115 45.97 -22.53 7.36
CA THR C 115 47.07 -22.93 6.50
C THR C 115 46.83 -24.35 5.98
N LEU C 116 46.98 -24.53 4.66
CA LEU C 116 46.86 -25.83 4.04
C LEU C 116 48.13 -26.13 3.24
N THR C 117 48.68 -27.32 3.46
CA THR C 117 49.88 -27.78 2.79
C THR C 117 49.59 -29.10 2.08
N VAL C 118 50.05 -29.23 0.83
CA VAL C 118 49.87 -30.42 0.03
C VAL C 118 51.23 -30.97 -0.34
N SER C 119 51.44 -32.27 -0.12
CA SER C 119 52.71 -32.90 -0.41
C SER C 119 53.07 -32.85 -1.88
N SER C 135 41.66 -14.07 -22.87
CA SER C 135 40.97 -13.85 -21.60
C SER C 135 40.41 -12.45 -21.51
N ALA C 136 39.22 -12.33 -20.90
CA ALA C 136 38.56 -11.05 -20.71
C ALA C 136 38.80 -10.48 -19.32
N ASP C 137 39.67 -11.09 -18.54
CA ASP C 137 39.95 -10.61 -17.19
C ASP C 137 40.71 -9.29 -17.24
N ILE C 138 40.47 -8.44 -16.25
CA ILE C 138 41.08 -7.12 -16.17
C ILE C 138 42.38 -7.22 -15.38
N VAL C 139 43.43 -6.60 -15.91
CA VAL C 139 44.78 -6.73 -15.37
C VAL C 139 45.16 -5.43 -14.67
N MET C 140 45.47 -5.53 -13.38
CA MET C 140 45.93 -4.40 -12.58
C MET C 140 47.42 -4.48 -12.25
N THR C 141 48.17 -3.45 -12.61
CA THR C 141 49.63 -3.56 -12.75
C THR C 141 50.47 -3.28 -11.52
N GLN C 142 50.30 -2.12 -10.88
CA GLN C 142 51.07 -1.74 -9.68
C GLN C 142 52.59 -2.03 -9.97
N ALA C 143 53.10 -1.29 -10.91
CA ALA C 143 54.41 -1.59 -11.48
C ALA C 143 55.59 -1.51 -10.49
N THR C 144 55.39 -0.83 -9.37
CA THR C 144 56.45 -0.74 -8.39
C THR C 144 56.39 -1.93 -7.42
N SER C 145 57.45 -2.09 -6.64
CA SER C 145 57.53 -3.16 -5.65
C SER C 145 58.01 -2.72 -4.28
N SER C 146 58.74 -1.62 -4.16
CA SER C 146 59.26 -1.17 -2.86
C SER C 146 59.80 0.24 -3.01
N VAL C 147 59.69 1.00 -1.92
CA VAL C 147 60.23 2.37 -1.88
C VAL C 147 60.57 2.74 -0.43
N PRO C 148 61.82 3.04 -0.13
CA PRO C 148 62.17 3.47 1.22
C PRO C 148 61.60 4.84 1.55
N VAL C 149 61.37 5.07 2.84
CA VAL C 149 60.79 6.31 3.33
C VAL C 149 61.30 6.57 4.74
N THR C 150 61.00 7.77 5.25
CA THR C 150 61.32 8.18 6.61
C THR C 150 60.12 8.89 7.20
N PRO C 151 59.92 8.79 8.51
CA PRO C 151 58.74 9.41 9.13
C PRO C 151 58.79 10.94 9.03
N GLY C 152 57.60 11.53 8.97
CA GLY C 152 57.44 12.97 8.91
C GLY C 152 57.17 13.52 7.53
N GLU C 153 57.45 12.75 6.48
CA GLU C 153 57.22 13.16 5.11
C GLU C 153 55.95 12.50 4.58
N SER C 154 55.69 12.66 3.29
CA SER C 154 54.53 12.09 2.63
C SER C 154 54.96 11.02 1.63
N VAL C 155 54.00 10.15 1.28
CA VAL C 155 54.25 9.03 0.38
C VAL C 155 53.10 8.97 -0.63
N SER C 156 53.42 8.52 -1.85
CA SER C 156 52.43 8.34 -2.90
C SER C 156 52.59 6.98 -3.54
N ILE C 157 51.47 6.37 -3.93
CA ILE C 157 51.44 5.08 -4.60
C ILE C 157 50.46 5.18 -5.77
N SER C 158 50.79 4.55 -6.90
CA SER C 158 49.96 4.67 -8.09
C SER C 158 49.72 3.30 -8.71
N CYS C 159 48.58 3.17 -9.38
CA CYS C 159 48.22 1.95 -10.07
C CYS C 159 47.51 2.28 -11.38
N ARG C 160 47.53 1.30 -12.29
CA ARG C 160 46.96 1.44 -13.63
C ARG C 160 46.19 0.17 -13.97
N SER C 161 45.14 0.32 -14.77
CA SER C 161 44.31 -0.79 -15.19
C SER C 161 44.25 -0.87 -16.71
N SER C 162 43.84 -2.04 -17.21
CA SER C 162 43.74 -2.29 -18.63
C SER C 162 42.36 -1.99 -19.20
N LYS C 163 41.44 -1.50 -18.38
CA LYS C 163 40.11 -1.17 -18.83
C LYS C 163 39.54 -0.11 -17.90
N SER C 164 38.72 0.77 -18.46
CA SER C 164 38.13 1.84 -17.68
C SER C 164 37.21 1.27 -16.61
N LEU C 165 37.35 1.76 -15.38
CA LEU C 165 36.56 1.30 -14.25
C LEU C 165 35.39 2.23 -13.95
N LEU C 166 35.09 3.18 -14.84
CA LEU C 166 34.03 4.15 -14.64
C LEU C 166 32.77 3.67 -15.36
N HIS C 167 31.64 3.75 -14.68
CA HIS C 167 30.38 3.27 -15.21
C HIS C 167 29.52 4.43 -15.69
N SER C 168 28.38 4.09 -16.30
CA SER C 168 27.44 5.10 -16.76
C SER C 168 26.64 5.70 -15.62
N ASN C 169 26.62 5.05 -14.45
CA ASN C 169 25.95 5.57 -13.27
C ASN C 169 26.82 6.50 -12.46
N GLY C 170 28.02 6.83 -12.94
CA GLY C 170 28.88 7.78 -12.28
C GLY C 170 29.74 7.24 -11.17
N ASN C 171 29.98 5.92 -11.13
CA ASN C 171 30.72 5.29 -10.06
C ASN C 171 32.01 4.69 -10.60
N THR C 172 33.04 4.69 -9.76
CA THR C 172 34.32 4.07 -10.06
C THR C 172 34.61 3.02 -8.99
N TYR C 173 34.92 1.80 -9.42
CA TYR C 173 35.04 0.66 -8.53
C TYR C 173 36.52 0.35 -8.32
N LEU C 174 37.08 0.84 -7.23
CA LEU C 174 38.46 0.62 -6.87
C LEU C 174 38.58 0.59 -5.36
N TYR C 175 39.30 -0.40 -4.83
CA TYR C 175 39.43 -0.60 -3.39
C TYR C 175 40.91 -0.68 -3.02
N TRP C 176 41.26 -0.03 -1.91
CA TRP C 176 42.63 -0.03 -1.40
C TRP C 176 42.67 -0.71 -0.04
N PHE C 177 43.52 -1.73 0.09
CA PHE C 177 43.73 -2.51 1.31
C PHE C 177 45.16 -2.39 1.80
N LEU C 178 45.34 -2.62 3.11
CA LEU C 178 46.64 -2.64 3.76
C LEU C 178 46.85 -3.95 4.50
N GLN C 179 48.09 -4.45 4.50
CA GLN C 179 48.46 -5.64 5.26
C GLN C 179 49.78 -5.40 5.97
N ARG C 180 49.75 -5.46 7.29
CA ARG C 180 50.89 -5.34 8.19
C ARG C 180 51.54 -6.71 8.40
N PRO C 181 52.80 -6.76 8.84
CA PRO C 181 53.47 -8.05 9.01
C PRO C 181 52.79 -8.91 10.09
N GLY C 182 52.40 -10.11 9.69
CA GLY C 182 51.83 -11.06 10.62
C GLY C 182 50.36 -10.88 10.93
N GLN C 183 49.64 -10.10 10.14
CA GLN C 183 48.23 -9.83 10.40
C GLN C 183 47.44 -9.92 9.10
N SER C 184 46.13 -10.08 9.25
CA SER C 184 45.23 -10.13 8.11
C SER C 184 44.99 -8.72 7.56
N PRO C 185 44.61 -8.61 6.29
CA PRO C 185 44.43 -7.28 5.68
C PRO C 185 43.27 -6.52 6.30
N GLN C 186 43.17 -5.26 5.92
CA GLN C 186 42.02 -4.43 6.29
C GLN C 186 41.77 -3.41 5.19
N LEU C 187 40.54 -2.89 5.19
CA LEU C 187 40.12 -1.94 4.16
C LEU C 187 40.57 -0.53 4.51
N LEU C 188 41.18 0.14 3.55
CA LEU C 188 41.50 1.57 3.67
C LEU C 188 40.51 2.44 2.90
N ILE C 189 40.28 2.15 1.63
CA ILE C 189 39.45 3.02 0.80
C ILE C 189 38.54 2.17 -0.08
N TYR C 190 37.28 2.60 -0.23
CA TYR C 190 36.33 1.94 -1.10
C TYR C 190 35.75 2.93 -2.10
N ARG C 191 35.65 2.49 -3.36
CA ARG C 191 35.10 3.28 -4.47
C ARG C 191 35.91 4.56 -4.71
N MET C 192 37.23 4.46 -4.53
CA MET C 192 38.23 5.37 -5.06
C MET C 192 38.30 6.72 -4.35
N SER C 193 37.32 7.06 -3.52
CA SER C 193 37.43 8.32 -2.79
C SER C 193 36.85 8.30 -1.39
N ASN C 194 36.33 7.18 -0.90
CA ASN C 194 35.61 7.15 0.37
C ASN C 194 36.51 6.55 1.45
N LEU C 195 36.65 7.26 2.56
CA LEU C 195 37.49 6.83 3.67
C LEU C 195 36.70 5.92 4.58
N ALA C 196 37.29 4.78 4.94
CA ALA C 196 36.61 3.79 5.76
C ALA C 196 36.50 4.27 7.20
N SER C 197 35.86 3.45 8.04
CA SER C 197 35.54 3.82 9.41
C SER C 197 36.70 3.44 10.33
N GLY C 198 37.07 4.36 11.22
CA GLY C 198 38.17 4.15 12.13
C GLY C 198 39.54 4.42 11.55
N VAL C 199 39.62 4.83 10.29
CA VAL C 199 40.89 5.11 9.62
C VAL C 199 41.21 6.59 9.76
N PRO C 200 42.38 6.95 10.27
CA PRO C 200 42.75 8.36 10.33
C PRO C 200 42.67 8.95 8.93
N ASP C 201 42.47 10.26 8.87
CA ASP C 201 42.27 10.94 7.59
C ASP C 201 43.57 11.45 6.98
N ARG C 202 44.72 10.88 7.36
CA ARG C 202 45.94 11.13 6.63
C ARG C 202 45.90 10.50 5.25
N PHE C 203 45.13 9.42 5.09
CA PHE C 203 45.05 8.72 3.82
C PHE C 203 44.09 9.43 2.87
N SER C 204 44.42 9.41 1.58
CA SER C 204 43.55 9.99 0.56
C SER C 204 43.71 9.20 -0.72
N GLY C 205 42.65 9.23 -1.54
CA GLY C 205 42.67 8.56 -2.81
C GLY C 205 42.09 9.45 -3.89
N SER C 206 42.59 9.26 -5.11
CA SER C 206 42.14 10.06 -6.25
C SER C 206 42.55 9.34 -7.53
N GLY C 207 42.08 9.86 -8.65
CA GLY C 207 42.53 9.36 -9.93
C GLY C 207 41.51 9.62 -11.03
N SER C 208 41.80 9.01 -12.18
CA SER C 208 40.99 9.10 -13.38
C SER C 208 40.50 7.70 -13.74
N GLY C 209 39.90 7.57 -14.92
CA GLY C 209 39.30 6.32 -15.33
C GLY C 209 40.24 5.14 -15.40
N THR C 210 41.54 5.39 -15.60
CA THR C 210 42.50 4.29 -15.73
C THR C 210 43.80 4.51 -14.96
N ALA C 211 43.95 5.59 -14.20
CA ALA C 211 45.15 5.82 -13.40
C ALA C 211 44.72 6.31 -12.03
N PHE C 212 45.27 5.70 -10.98
CA PHE C 212 44.83 5.98 -9.62
C PHE C 212 46.02 6.20 -8.71
N THR C 213 45.80 7.00 -7.66
CA THR C 213 46.84 7.34 -6.70
C THR C 213 46.27 7.34 -5.29
N LEU C 214 47.05 6.80 -4.36
CA LEU C 214 46.80 6.89 -2.92
C LEU C 214 47.93 7.65 -2.26
N THR C 215 47.59 8.59 -1.40
CA THR C 215 48.54 9.52 -0.80
C THR C 215 48.45 9.45 0.72
N ILE C 216 49.61 9.44 1.38
CA ILE C 216 49.70 9.40 2.84
C ILE C 216 50.49 10.62 3.29
N SER C 217 49.90 11.39 4.19
CA SER C 217 50.53 12.61 4.71
C SER C 217 51.02 12.37 6.13
N ARG C 218 52.23 12.86 6.41
CA ARG C 218 52.88 12.70 7.71
C ARG C 218 53.03 11.22 8.07
N LEU C 219 53.83 10.52 7.27
CA LEU C 219 54.06 9.10 7.47
C LEU C 219 54.59 8.84 8.87
N GLU C 220 53.98 7.88 9.56
CA GLU C 220 54.37 7.54 10.92
C GLU C 220 54.56 6.03 11.05
N ALA C 221 54.72 5.55 12.28
CA ALA C 221 54.78 4.12 12.52
C ALA C 221 53.40 3.50 12.25
N GLU C 222 53.36 2.17 12.34
CA GLU C 222 52.13 1.41 12.07
C GLU C 222 51.60 1.67 10.66
N ASP C 223 52.49 1.96 9.73
CA ASP C 223 52.14 2.19 8.34
C ASP C 223 53.18 1.58 7.41
N VAL C 224 53.91 0.57 7.87
CA VAL C 224 54.83 -0.20 7.03
C VAL C 224 54.36 -1.61 6.74
N GLY C 225 54.39 -2.00 5.47
CA GLY C 225 53.74 -3.21 5.04
C GLY C 225 53.39 -3.13 3.57
N VAL C 226 52.41 -3.93 3.17
CA VAL C 226 52.07 -4.11 1.76
C VAL C 226 50.72 -3.48 1.48
N TYR C 227 50.65 -2.69 0.41
CA TYR C 227 49.43 -2.02 -0.03
C TYR C 227 48.93 -2.69 -1.30
N TYR C 228 47.64 -3.03 -1.31
CA TYR C 228 47.00 -3.71 -2.43
C TYR C 228 45.85 -2.87 -2.98
N CYS C 229 45.59 -3.02 -4.27
CA CYS C 229 44.46 -2.40 -4.93
C CYS C 229 43.66 -3.45 -5.69
N MET C 230 42.35 -3.24 -5.81
CA MET C 230 41.49 -4.24 -6.39
C MET C 230 40.32 -3.58 -7.12
N GLN C 231 39.78 -4.27 -8.13
CA GLN C 231 38.64 -3.80 -8.88
C GLN C 231 37.40 -4.63 -8.58
N HIS C 232 36.23 -4.03 -8.75
CA HIS C 232 34.97 -4.71 -8.49
C HIS C 232 33.93 -4.38 -9.56
N LEU C 233 34.37 -4.23 -10.82
CA LEU C 233 33.39 -4.04 -11.90
C LEU C 233 32.63 -5.32 -12.21
N GLU C 234 33.35 -6.43 -12.33
CA GLU C 234 32.76 -7.64 -12.87
C GLU C 234 33.58 -8.85 -12.46
N TYR C 235 32.91 -9.98 -12.31
CA TYR C 235 33.58 -11.18 -11.85
C TYR C 235 34.40 -11.79 -12.99
N PRO C 236 35.56 -12.38 -12.69
CA PRO C 236 36.18 -12.51 -11.37
C PRO C 236 36.86 -11.25 -10.87
N LEU C 237 37.01 -11.12 -9.55
CA LEU C 237 37.71 -10.00 -8.96
C LEU C 237 39.20 -10.26 -8.99
N THR C 238 39.97 -9.26 -9.41
CA THR C 238 41.41 -9.40 -9.61
C THR C 238 42.15 -8.39 -8.75
N PHE C 239 43.27 -8.83 -8.18
CA PHE C 239 44.10 -8.01 -7.31
C PHE C 239 45.35 -7.53 -8.05
N GLY C 240 45.96 -6.49 -7.49
CA GLY C 240 47.26 -6.06 -7.94
C GLY C 240 48.37 -6.89 -7.33
N ALA C 241 49.60 -6.46 -7.59
CA ALA C 241 50.77 -7.17 -7.08
C ALA C 241 51.20 -6.71 -5.70
N GLY C 242 50.84 -5.50 -5.29
CA GLY C 242 51.13 -5.03 -3.96
C GLY C 242 52.47 -4.33 -3.83
N THR C 243 52.47 -3.17 -3.17
CA THR C 243 53.68 -2.37 -3.00
C THR C 243 54.14 -2.44 -1.55
N LYS C 244 55.43 -2.73 -1.36
CA LYS C 244 56.02 -2.82 -0.03
C LYS C 244 56.54 -1.46 0.41
N LEU C 245 56.29 -1.12 1.67
CA LEU C 245 56.72 0.15 2.23
C LEU C 245 57.47 -0.14 3.52
N GLU C 246 58.74 0.26 3.56
CA GLU C 246 59.64 0.03 4.68
C GLU C 246 60.19 1.36 5.20
N LEU C 247 60.64 1.34 6.44
CA LEU C 247 61.29 2.51 7.04
C LEU C 247 62.76 2.23 7.35
N THR D 6 -5.81 32.61 44.21
CA THR D 6 -6.65 32.19 43.11
C THR D 6 -5.89 32.23 41.79
N ALA D 7 -5.93 31.12 41.06
CA ALA D 7 -5.20 31.02 39.80
C ALA D 7 -5.81 31.89 38.71
N SER D 8 -7.10 32.22 38.81
CA SER D 8 -7.76 32.98 37.76
C SER D 8 -7.16 34.38 37.61
N ILE D 9 -6.88 35.04 38.74
CA ILE D 9 -6.33 36.40 38.69
C ILE D 9 -4.95 36.38 38.03
N ALA D 10 -4.10 35.44 38.45
CA ALA D 10 -2.77 35.34 37.87
C ALA D 10 -2.83 34.98 36.39
N GLN D 11 -3.76 34.10 36.01
CA GLN D 11 -3.91 33.74 34.61
C GLN D 11 -4.32 34.94 33.76
N ALA D 12 -5.29 35.72 34.26
CA ALA D 12 -5.72 36.92 33.54
C ALA D 12 -4.58 37.93 33.43
N ARG D 13 -3.81 38.10 34.51
CA ARG D 13 -2.68 39.02 34.47
C ARG D 13 -1.64 38.55 33.45
N LYS D 14 -1.36 37.24 33.41
CA LYS D 14 -0.41 36.71 32.45
C LYS D 14 -0.89 36.91 31.01
N LEU D 15 -2.18 36.68 30.77
CA LEU D 15 -2.74 36.90 29.44
C LEU D 15 -2.63 38.37 29.04
N VAL D 16 -2.92 39.28 29.96
CA VAL D 16 -2.81 40.71 29.68
C VAL D 16 -1.37 41.09 29.36
N GLU D 17 -0.43 40.58 30.15
CA GLU D 17 0.99 40.86 29.91
C GLU D 17 1.44 40.32 28.56
N GLN D 18 0.99 39.11 28.20
CA GLN D 18 1.34 38.54 26.91
C GLN D 18 0.77 39.37 25.76
N LEU D 19 -0.48 39.83 25.91
CA LEU D 19 -1.06 40.69 24.88
C LEU D 19 -0.27 41.98 24.74
N LYS D 20 0.10 42.59 25.87
CA LYS D 20 0.89 43.81 25.82
C LYS D 20 2.23 43.59 25.15
N MET D 21 2.90 42.47 25.46
CA MET D 21 4.18 42.17 24.83
C MET D 21 4.02 41.96 23.33
N GLU D 22 2.98 41.23 22.92
CA GLU D 22 2.74 40.99 21.51
C GLU D 22 2.30 42.24 20.77
N ALA D 23 1.81 43.26 21.48
CA ALA D 23 1.28 44.46 20.85
C ALA D 23 2.34 45.52 20.56
N ASN D 24 3.60 45.28 20.90
CA ASN D 24 4.64 46.30 20.80
C ASN D 24 5.78 45.87 19.87
N ILE D 25 5.45 45.35 18.69
CA ILE D 25 6.44 44.98 17.70
C ILE D 25 6.39 45.97 16.55
N ASP D 26 7.52 46.16 15.89
CA ASP D 26 7.59 47.05 14.74
C ASP D 26 6.92 46.40 13.52
N ARG D 27 6.45 47.25 12.60
CA ARG D 27 5.75 46.79 11.42
C ARG D 27 6.19 47.60 10.22
N ILE D 28 6.02 47.01 9.03
CA ILE D 28 6.33 47.67 7.77
C ILE D 28 5.08 47.63 6.89
N LYS D 29 5.14 48.37 5.79
CA LYS D 29 4.00 48.47 4.91
C LYS D 29 3.80 47.18 4.11
N VAL D 30 2.56 46.96 3.67
CA VAL D 30 2.22 45.75 2.94
C VAL D 30 2.88 45.75 1.56
N SER D 31 2.95 46.92 0.92
CA SER D 31 3.52 47.01 -0.41
C SER D 31 5.00 46.65 -0.42
N LYS D 32 5.73 46.99 0.64
CA LYS D 32 7.14 46.61 0.72
C LYS D 32 7.31 45.11 0.80
N ALA D 33 6.47 44.44 1.59
CA ALA D 33 6.51 42.98 1.67
C ALA D 33 6.18 42.35 0.33
N ALA D 34 5.16 42.89 -0.35
CA ALA D 34 4.82 42.38 -1.68
C ALA D 34 5.97 42.54 -2.65
N ALA D 35 6.62 43.71 -2.63
CA ALA D 35 7.74 43.96 -3.52
C ALA D 35 8.90 43.01 -3.23
N ASP D 36 9.19 42.76 -1.94
CA ASP D 36 10.26 41.84 -1.59
C ASP D 36 9.96 40.42 -2.07
N LEU D 37 8.72 39.95 -1.87
CA LEU D 37 8.36 38.62 -2.34
C LEU D 37 8.49 38.52 -3.86
N MET D 38 8.01 39.54 -4.58
CA MET D 38 8.12 39.56 -6.03
C MET D 38 9.58 39.54 -6.47
N ALA D 39 10.43 40.32 -5.81
CA ALA D 39 11.85 40.37 -6.17
C ALA D 39 12.52 39.02 -5.96
N TYR D 40 12.22 38.36 -4.83
CA TYR D 40 12.82 37.05 -4.60
C TYR D 40 12.36 36.05 -5.65
N CYS D 41 11.07 36.06 -5.98
CA CYS D 41 10.58 35.13 -6.99
C CYS D 41 11.22 35.40 -8.35
N GLU D 42 11.47 36.67 -8.68
CA GLU D 42 12.03 37.00 -9.98
C GLU D 42 13.53 36.71 -10.06
N ALA D 43 14.26 36.83 -8.95
CA ALA D 43 15.71 36.67 -9.00
C ALA D 43 16.17 35.22 -9.04
N HIS D 44 15.26 34.25 -8.91
CA HIS D 44 15.61 32.84 -8.93
C HIS D 44 14.76 32.04 -9.93
N ALA D 45 14.21 32.70 -10.94
CA ALA D 45 13.26 32.05 -11.83
C ALA D 45 13.94 31.08 -12.80
N LYS D 46 15.24 31.20 -13.00
CA LYS D 46 15.95 30.36 -13.96
C LYS D 46 16.46 29.05 -13.35
N GLU D 47 16.14 28.77 -12.08
CA GLU D 47 16.66 27.58 -11.40
C GLU D 47 15.55 26.79 -10.73
N ASP D 48 14.38 26.70 -11.37
CA ASP D 48 13.24 25.98 -10.83
C ASP D 48 12.88 24.90 -11.82
N PRO D 49 13.38 23.67 -11.64
CA PRO D 49 13.14 22.61 -12.64
C PRO D 49 11.67 22.25 -12.83
N LEU D 50 10.78 22.64 -11.92
CA LEU D 50 9.37 22.35 -12.12
C LEU D 50 8.69 23.43 -12.95
N LEU D 51 9.03 24.69 -12.66
CA LEU D 51 8.47 25.81 -13.42
C LEU D 51 9.09 25.92 -14.80
N THR D 52 10.40 25.72 -14.90
CA THR D 52 11.14 25.76 -16.16
C THR D 52 11.74 24.37 -16.38
N PRO D 53 11.09 23.51 -17.16
CA PRO D 53 11.54 22.13 -17.29
C PRO D 53 12.93 22.03 -17.90
N VAL D 54 13.65 20.98 -17.50
CA VAL D 54 15.01 20.73 -17.99
C VAL D 54 14.93 19.74 -19.15
N PRO D 55 15.91 19.72 -20.05
CA PRO D 55 15.90 18.76 -21.15
C PRO D 55 16.04 17.33 -20.65
N ALA D 56 15.58 16.39 -21.48
CA ALA D 56 15.61 14.98 -21.12
C ALA D 56 17.02 14.42 -20.97
N SER D 57 18.03 15.12 -21.48
CA SER D 57 19.41 14.66 -21.33
C SER D 57 19.96 14.93 -19.94
N GLU D 58 19.34 15.82 -19.18
CA GLU D 58 19.79 16.18 -17.84
C GLU D 58 18.69 15.94 -16.81
N ASN D 59 17.90 14.88 -16.99
CA ASN D 59 16.84 14.53 -16.06
C ASN D 59 17.23 13.27 -15.32
N PRO D 60 17.17 13.23 -13.99
CA PRO D 60 17.53 11.99 -13.29
C PRO D 60 16.42 10.96 -13.19
N PHE D 61 15.15 11.37 -13.37
CA PHE D 61 14.04 10.44 -13.50
C PHE D 61 13.67 10.22 -14.96
N ARG D 62 14.66 10.32 -15.85
CA ARG D 62 14.53 10.12 -17.29
C ARG D 62 13.68 8.92 -17.65
N HIS E 8 -34.89 -46.22 -45.27
CA HIS E 8 -35.13 -44.79 -45.39
C HIS E 8 -36.49 -44.41 -44.80
N CYS E 9 -36.46 -43.59 -43.75
CA CYS E 9 -37.67 -43.12 -43.08
C CYS E 9 -38.03 -41.73 -43.59
N PHE E 10 -39.23 -41.60 -44.13
CA PHE E 10 -39.65 -40.36 -44.77
C PHE E 10 -39.95 -39.30 -43.72
N TYR E 11 -39.23 -38.18 -43.80
CA TYR E 11 -39.45 -37.04 -42.94
C TYR E 11 -39.65 -35.80 -43.80
N ASN E 12 -40.48 -34.87 -43.31
CA ASN E 12 -40.78 -33.63 -44.01
C ASN E 12 -40.39 -32.47 -43.11
N ASP E 13 -39.16 -31.97 -43.29
CA ASP E 13 -38.62 -30.89 -42.48
C ASP E 13 -38.14 -29.73 -43.36
N SER E 14 -38.93 -29.39 -44.37
CA SER E 14 -38.61 -28.26 -45.24
C SER E 14 -39.02 -26.92 -44.63
N PHE E 15 -39.69 -26.93 -43.48
CA PHE E 15 -40.14 -25.72 -42.83
C PHE E 15 -39.01 -24.94 -42.17
N LYS E 16 -37.84 -25.55 -42.00
CA LYS E 16 -36.78 -24.91 -41.23
C LYS E 16 -36.22 -23.68 -41.93
N TYR E 17 -36.16 -23.70 -43.26
CA TYR E 17 -35.53 -22.60 -43.99
C TYR E 17 -36.24 -21.28 -43.74
N THR E 18 -37.58 -21.30 -43.67
CA THR E 18 -38.32 -20.11 -43.30
C THR E 18 -38.49 -19.98 -41.79
N LEU E 19 -38.27 -21.06 -41.03
CA LEU E 19 -38.33 -20.95 -39.58
C LEU E 19 -37.13 -20.18 -39.05
N TYR E 20 -35.94 -20.51 -39.52
CA TYR E 20 -34.73 -19.79 -39.10
C TYR E 20 -34.80 -18.33 -39.53
N GLY E 21 -34.79 -18.10 -40.85
CA GLY E 21 -34.49 -16.77 -41.38
C GLY E 21 -35.39 -15.68 -40.86
N CYS E 22 -36.61 -16.03 -40.46
CA CYS E 22 -37.48 -15.04 -39.84
C CYS E 22 -36.99 -14.68 -38.44
N MET E 23 -37.00 -15.66 -37.53
CA MET E 23 -36.85 -15.31 -36.12
C MET E 23 -35.42 -14.90 -35.80
N PHE E 24 -34.44 -15.51 -36.44
CA PHE E 24 -33.06 -15.03 -36.30
C PHE E 24 -33.00 -13.53 -36.55
N SER E 25 -33.68 -13.06 -37.59
CA SER E 25 -33.69 -11.64 -37.89
C SER E 25 -34.19 -10.85 -36.69
N MET E 26 -35.31 -11.28 -36.09
CA MET E 26 -35.83 -10.59 -34.92
C MET E 26 -34.77 -10.52 -33.83
N VAL E 27 -34.04 -11.61 -33.61
CA VAL E 27 -32.99 -11.59 -32.58
C VAL E 27 -31.95 -10.56 -32.93
N PHE E 28 -31.55 -10.48 -34.21
CA PHE E 28 -30.56 -9.50 -34.62
C PHE E 28 -31.07 -8.08 -34.37
N VAL E 29 -32.40 -7.90 -34.41
CA VAL E 29 -32.96 -6.59 -34.10
C VAL E 29 -32.87 -6.31 -32.60
N LEU E 30 -33.12 -7.33 -31.78
CA LEU E 30 -33.22 -7.08 -30.34
C LEU E 30 -31.86 -7.15 -29.66
N GLY E 31 -31.07 -8.19 -29.94
CA GLY E 31 -29.79 -8.35 -29.31
C GLY E 31 -28.76 -7.30 -29.67
N LEU E 32 -28.98 -6.54 -30.73
CA LEU E 32 -28.07 -5.47 -31.12
C LEU E 32 -28.27 -4.20 -30.32
N ILE E 33 -29.50 -3.87 -29.95
CA ILE E 33 -29.76 -2.65 -29.20
C ILE E 33 -29.57 -2.87 -27.70
N SER E 34 -30.02 -4.01 -27.18
CA SER E 34 -29.91 -4.27 -25.74
C SER E 34 -28.45 -4.30 -25.29
N ASN E 35 -27.67 -5.25 -25.82
CA ASN E 35 -26.32 -5.47 -25.31
C ASN E 35 -25.44 -4.23 -25.43
N CYS E 36 -25.53 -3.51 -26.55
CA CYS E 36 -24.75 -2.29 -26.70
C CYS E 36 -25.07 -1.30 -25.59
N VAL E 37 -26.36 -1.15 -25.24
CA VAL E 37 -26.73 -0.28 -24.12
C VAL E 37 -25.97 -0.70 -22.87
N ALA E 38 -25.91 -2.02 -22.61
CA ALA E 38 -25.17 -2.52 -21.46
C ALA E 38 -23.75 -1.96 -21.46
N ILE E 39 -23.07 -2.00 -22.62
CA ILE E 39 -21.70 -1.51 -22.69
C ILE E 39 -21.65 -0.06 -22.26
N TYR E 40 -22.60 0.76 -22.74
CA TYR E 40 -22.64 2.16 -22.34
C TYR E 40 -22.76 2.27 -20.83
N ILE E 41 -23.64 1.48 -20.23
CA ILE E 41 -23.84 1.55 -18.79
C ILE E 41 -22.57 1.10 -18.06
N PHE E 42 -21.79 0.22 -18.68
CA PHE E 42 -20.55 -0.21 -18.06
C PHE E 42 -19.36 0.63 -18.49
N ALA E 43 -19.57 1.68 -19.29
CA ALA E 43 -18.47 2.51 -19.74
C ALA E 43 -18.24 3.73 -18.85
N CYS E 44 -19.23 4.62 -18.78
CA CYS E 44 -19.10 5.84 -17.99
C CYS E 44 -20.41 6.17 -17.27
N VAL E 45 -21.08 5.16 -16.73
CA VAL E 45 -22.30 5.40 -15.98
C VAL E 45 -22.20 4.78 -14.58
N LEU E 46 -21.74 3.53 -14.51
CA LEU E 46 -21.74 2.80 -13.25
C LEU E 46 -20.56 3.10 -12.32
N LYS E 47 -19.34 3.06 -12.85
CA LYS E 47 -18.12 3.44 -12.12
C LYS E 47 -17.97 2.63 -10.83
N VAL E 48 -18.03 1.31 -10.97
CA VAL E 48 -17.73 0.37 -9.90
C VAL E 48 -16.89 -0.76 -10.49
N ARG E 49 -15.87 -1.20 -9.77
CA ARG E 49 -14.97 -2.25 -10.25
C ARG E 49 -14.77 -3.31 -9.17
N ASN E 50 -15.33 -4.49 -9.42
CA ASN E 50 -15.08 -5.68 -8.62
C ASN E 50 -15.25 -6.89 -9.53
N GLU E 51 -15.31 -8.09 -8.95
CA GLU E 51 -15.35 -9.32 -9.74
C GLU E 51 -16.61 -9.39 -10.61
N THR E 52 -17.76 -9.07 -9.99
CA THR E 52 -19.03 -9.25 -10.66
C THR E 52 -19.11 -8.40 -11.94
N THR E 53 -18.56 -7.19 -11.90
CA THR E 53 -18.54 -6.36 -13.10
C THR E 53 -17.67 -6.98 -14.18
N THR E 54 -16.53 -7.57 -13.79
CA THR E 54 -15.68 -8.26 -14.76
C THR E 54 -16.45 -9.37 -15.47
N TYR E 55 -17.13 -10.22 -14.70
CA TYR E 55 -17.87 -11.32 -15.31
C TYR E 55 -18.99 -10.80 -16.21
N MET E 56 -19.74 -9.79 -15.75
CA MET E 56 -20.82 -9.25 -16.58
C MET E 56 -20.31 -8.64 -17.87
N ILE E 57 -19.20 -7.90 -17.83
CA ILE E 57 -18.72 -7.27 -19.05
C ILE E 57 -18.23 -8.32 -20.03
N ASN E 58 -17.56 -9.38 -19.53
CA ASN E 58 -17.14 -10.43 -20.44
C ASN E 58 -18.33 -11.13 -21.08
N LEU E 59 -19.37 -11.40 -20.29
CA LEU E 59 -20.55 -12.06 -20.83
C LEU E 59 -21.25 -11.18 -21.88
N ALA E 60 -21.36 -9.88 -21.60
CA ALA E 60 -22.00 -8.98 -22.56
C ALA E 60 -21.23 -8.91 -23.87
N MET E 61 -19.91 -8.79 -23.80
CA MET E 61 -19.12 -8.73 -25.03
C MET E 61 -19.16 -10.04 -25.81
N SER E 62 -19.19 -11.17 -25.09
CA SER E 62 -19.34 -12.45 -25.77
C SER E 62 -20.67 -12.53 -26.51
N ASP E 63 -21.75 -12.07 -25.88
CA ASP E 63 -23.05 -12.11 -26.54
C ASP E 63 -23.09 -11.16 -27.75
N LEU E 64 -22.41 -10.01 -27.66
CA LEU E 64 -22.36 -9.11 -28.81
C LEU E 64 -21.61 -9.75 -29.97
N LEU E 65 -20.49 -10.42 -29.68
CA LEU E 65 -19.76 -11.12 -30.73
C LEU E 65 -20.62 -12.21 -31.35
N PHE E 66 -21.41 -12.91 -30.54
CA PHE E 66 -22.35 -13.88 -31.07
C PHE E 66 -23.37 -13.21 -31.99
N VAL E 67 -23.84 -12.02 -31.60
CA VAL E 67 -24.84 -11.30 -32.40
C VAL E 67 -24.28 -10.99 -33.79
N PHE E 68 -23.03 -10.52 -33.85
CA PHE E 68 -22.53 -10.06 -35.14
C PHE E 68 -22.30 -11.17 -36.16
N THR E 69 -22.69 -12.43 -35.90
CA THR E 69 -22.51 -13.50 -36.87
C THR E 69 -23.81 -13.96 -37.52
N LEU E 70 -24.96 -13.58 -36.98
CA LEU E 70 -26.24 -14.04 -37.54
C LEU E 70 -26.49 -13.64 -38.99
N PRO E 71 -26.18 -12.42 -39.45
CA PRO E 71 -26.56 -12.03 -40.82
C PRO E 71 -26.08 -12.99 -41.91
N PHE E 72 -24.89 -13.57 -41.78
CA PHE E 72 -24.42 -14.53 -42.78
C PHE E 72 -25.33 -15.75 -42.84
N ARG E 73 -25.70 -16.28 -41.68
CA ARG E 73 -26.62 -17.43 -41.65
C ARG E 73 -27.98 -17.05 -42.24
N ILE E 74 -28.48 -15.86 -41.90
CA ILE E 74 -29.78 -15.44 -42.43
C ILE E 74 -29.73 -15.34 -43.94
N PHE E 75 -28.67 -14.71 -44.48
CA PHE E 75 -28.55 -14.54 -45.92
C PHE E 75 -28.44 -15.89 -46.63
N TYR E 76 -27.62 -16.79 -46.08
CA TYR E 76 -27.49 -18.10 -46.71
C TYR E 76 -28.79 -18.89 -46.66
N PHE E 77 -29.51 -18.82 -45.53
CA PHE E 77 -30.73 -19.59 -45.38
C PHE E 77 -31.88 -19.01 -46.19
N THR E 78 -31.82 -17.73 -46.55
CA THR E 78 -32.85 -17.16 -47.41
C THR E 78 -32.53 -17.36 -48.89
N THR E 79 -31.30 -17.07 -49.32
CA THR E 79 -30.94 -17.18 -50.73
C THR E 79 -30.58 -18.59 -51.16
N ARG E 80 -30.16 -19.45 -50.24
CA ARG E 80 -29.78 -20.84 -50.55
C ARG E 80 -28.59 -20.90 -51.49
N ASN E 81 -27.65 -19.98 -51.33
CA ASN E 81 -26.46 -19.94 -52.18
C ASN E 81 -25.32 -19.27 -51.43
N TRP E 82 -24.14 -19.90 -51.48
CA TRP E 82 -22.95 -19.39 -50.79
C TRP E 82 -21.74 -19.26 -51.70
N PRO E 83 -21.71 -18.25 -52.57
CA PRO E 83 -20.62 -18.09 -53.55
C PRO E 83 -19.39 -17.36 -53.00
N PHE E 84 -18.86 -17.83 -51.88
CA PHE E 84 -17.65 -17.23 -51.32
C PHE E 84 -16.50 -18.21 -51.18
N GLY E 85 -16.72 -19.37 -50.59
CA GLY E 85 -15.65 -20.33 -50.41
C GLY E 85 -15.79 -21.06 -49.09
N ASP E 86 -14.83 -21.97 -48.86
CA ASP E 86 -14.86 -22.79 -47.64
C ASP E 86 -14.46 -21.98 -46.41
N LEU E 87 -13.48 -21.07 -46.57
CA LEU E 87 -12.90 -20.40 -45.41
C LEU E 87 -13.94 -19.54 -44.69
N LEU E 88 -14.73 -18.78 -45.45
CA LEU E 88 -15.71 -17.90 -44.82
C LEU E 88 -16.76 -18.68 -44.05
N CYS E 89 -17.27 -19.76 -44.64
CA CYS E 89 -18.29 -20.55 -43.96
C CYS E 89 -17.72 -21.21 -42.70
N LYS E 90 -16.52 -21.77 -42.80
CA LYS E 90 -15.90 -22.37 -41.62
C LYS E 90 -15.71 -21.35 -40.51
N ILE E 91 -15.22 -20.15 -40.86
CA ILE E 91 -15.01 -19.11 -39.86
C ILE E 91 -16.33 -18.70 -39.22
N SER E 92 -17.37 -18.54 -40.04
CA SER E 92 -18.67 -18.13 -39.51
C SER E 92 -19.21 -19.15 -38.52
N VAL E 93 -19.17 -20.43 -38.88
CA VAL E 93 -19.69 -21.47 -38.00
C VAL E 93 -18.89 -21.53 -36.70
N MET E 94 -17.55 -21.44 -36.81
CA MET E 94 -16.72 -21.52 -35.62
C MET E 94 -17.00 -20.36 -34.67
N LEU E 95 -17.12 -19.14 -35.21
CA LEU E 95 -17.46 -18.00 -34.37
C LEU E 95 -18.80 -18.19 -33.69
N PHE E 96 -19.81 -18.61 -34.46
CA PHE E 96 -21.14 -18.91 -33.92
C PHE E 96 -21.05 -19.80 -32.68
N TYR E 97 -20.46 -20.98 -32.83
CA TYR E 97 -20.50 -21.94 -31.74
C TYR E 97 -19.59 -21.55 -30.58
N THR E 98 -18.43 -20.93 -30.86
CA THR E 98 -17.57 -20.49 -29.77
C THR E 98 -18.26 -19.45 -28.90
N ASN E 99 -18.90 -18.47 -29.53
CA ASN E 99 -19.60 -17.46 -28.74
C ASN E 99 -20.85 -18.00 -28.09
N MET E 100 -21.46 -19.06 -28.64
CA MET E 100 -22.57 -19.69 -27.94
C MET E 100 -22.11 -20.41 -26.67
N TYR E 101 -20.95 -21.07 -26.73
CA TYR E 101 -20.52 -21.90 -25.61
C TYR E 101 -19.60 -21.19 -24.63
N GLY E 102 -19.21 -19.94 -24.87
CA GLY E 102 -18.53 -19.18 -23.82
C GLY E 102 -19.48 -18.61 -22.78
N SER E 103 -20.72 -18.34 -23.17
CA SER E 103 -21.70 -17.76 -22.25
C SER E 103 -22.02 -18.69 -21.10
N ILE E 104 -22.09 -20.00 -21.38
CA ILE E 104 -22.38 -20.98 -20.33
C ILE E 104 -21.34 -20.89 -19.23
N LEU E 105 -20.06 -20.85 -19.60
CA LEU E 105 -19.00 -20.77 -18.60
C LEU E 105 -19.02 -19.43 -17.88
N PHE E 106 -19.34 -18.34 -18.59
CA PHE E 106 -19.40 -17.05 -17.90
C PHE E 106 -20.61 -16.92 -16.97
N LEU E 107 -21.62 -17.77 -17.12
CA LEU E 107 -22.69 -17.80 -16.12
C LEU E 107 -22.34 -18.71 -14.94
N THR E 108 -21.75 -19.87 -15.23
CA THR E 108 -21.35 -20.78 -14.16
C THR E 108 -20.34 -20.12 -13.23
N CYS E 109 -19.49 -19.25 -13.77
CA CYS E 109 -18.55 -18.53 -12.91
C CYS E 109 -19.27 -17.65 -11.89
N ILE E 110 -20.30 -16.93 -12.33
CA ILE E 110 -21.06 -16.07 -11.42
C ILE E 110 -21.74 -16.91 -10.34
N SER E 111 -22.30 -18.06 -10.71
CA SER E 111 -22.93 -18.91 -9.72
C SER E 111 -21.93 -19.39 -8.67
N VAL E 112 -20.75 -19.85 -9.11
CA VAL E 112 -19.75 -20.33 -8.15
C VAL E 112 -19.28 -19.19 -7.25
N ASP E 113 -19.16 -17.98 -7.81
CA ASP E 113 -18.74 -16.83 -7.03
C ASP E 113 -19.76 -16.50 -5.93
N ARG E 114 -21.05 -16.53 -6.27
CA ARG E 114 -22.08 -16.29 -5.25
C ARG E 114 -22.04 -17.34 -4.16
N PHE E 115 -21.93 -18.61 -4.54
CA PHE E 115 -21.84 -19.68 -3.54
C PHE E 115 -20.66 -19.46 -2.62
N LEU E 116 -19.52 -19.04 -3.18
CA LEU E 116 -18.32 -18.83 -2.39
C LEU E 116 -18.46 -17.64 -1.45
N ALA E 117 -19.19 -16.60 -1.85
CA ALA E 117 -19.27 -15.39 -1.05
C ALA E 117 -20.35 -15.42 0.03
N ILE E 118 -21.43 -16.17 -0.15
CA ILE E 118 -22.48 -16.12 0.87
C ILE E 118 -22.79 -17.48 1.48
N VAL E 119 -21.83 -18.40 1.44
CA VAL E 119 -21.88 -19.63 2.22
C VAL E 119 -20.67 -19.76 3.13
N TYR E 120 -19.47 -19.43 2.63
CA TYR E 120 -18.23 -19.44 3.40
C TYR E 120 -17.72 -18.01 3.46
N PRO E 121 -18.23 -17.18 4.37
CA PRO E 121 -17.86 -15.77 4.37
C PRO E 121 -16.54 -15.47 5.06
N PHE E 122 -16.00 -16.40 5.86
CA PHE E 122 -14.74 -16.21 6.56
C PHE E 122 -13.56 -16.81 5.81
N LYS E 123 -13.70 -18.03 5.33
CA LYS E 123 -12.65 -18.74 4.59
C LYS E 123 -12.49 -18.22 3.18
N SER E 124 -13.13 -17.12 2.81
CA SER E 124 -13.06 -16.59 1.46
C SER E 124 -12.74 -15.10 1.49
N LYS E 125 -11.85 -14.69 2.39
CA LYS E 125 -11.32 -13.33 2.37
C LYS E 125 -10.01 -13.24 1.59
N THR E 126 -9.42 -14.39 1.25
CA THR E 126 -8.23 -14.45 0.43
C THR E 126 -8.48 -15.05 -0.94
N LEU E 127 -9.59 -15.74 -1.14
CA LEU E 127 -9.89 -16.45 -2.38
C LEU E 127 -10.65 -15.61 -3.39
N ARG E 128 -11.05 -14.39 -3.04
CA ARG E 128 -11.90 -13.57 -3.90
C ARG E 128 -11.21 -12.23 -4.16
N THR E 129 -10.38 -12.18 -5.20
CA THR E 129 -9.69 -10.96 -5.60
C THR E 129 -9.93 -10.71 -7.09
N LYS E 130 -9.51 -9.53 -7.54
CA LYS E 130 -9.70 -9.17 -8.94
C LYS E 130 -8.72 -9.92 -9.85
N ARG E 131 -7.52 -10.21 -9.34
CA ARG E 131 -6.53 -10.91 -10.15
C ARG E 131 -7.01 -12.31 -10.51
N ASN E 132 -7.65 -13.01 -9.56
CA ASN E 132 -8.18 -14.33 -9.88
C ASN E 132 -9.35 -14.23 -10.85
N ALA E 133 -10.15 -13.15 -10.76
CA ALA E 133 -11.21 -12.93 -11.74
C ALA E 133 -10.63 -12.84 -13.15
N LYS E 134 -9.60 -12.01 -13.32
CA LYS E 134 -8.99 -11.86 -14.64
C LYS E 134 -8.34 -13.17 -15.10
N ILE E 135 -7.71 -13.90 -14.18
CA ILE E 135 -7.09 -15.17 -14.54
C ILE E 135 -8.14 -16.14 -15.08
N VAL E 136 -9.27 -16.25 -14.38
CA VAL E 136 -10.32 -17.18 -14.80
C VAL E 136 -10.93 -16.73 -16.12
N CYS E 137 -11.08 -15.42 -16.32
CA CYS E 137 -11.62 -14.94 -17.59
C CYS E 137 -10.70 -15.30 -18.75
N THR E 138 -9.39 -15.10 -18.58
CA THR E 138 -8.45 -15.48 -19.62
C THR E 138 -8.49 -16.99 -19.87
N GLY E 139 -8.60 -17.77 -18.80
CA GLY E 139 -8.73 -19.21 -18.97
C GLY E 139 -9.94 -19.60 -19.80
N VAL E 140 -11.09 -18.98 -19.52
CA VAL E 140 -12.30 -19.30 -20.27
C VAL E 140 -12.14 -18.93 -21.74
N TRP E 141 -11.63 -17.73 -22.02
CA TRP E 141 -11.45 -17.31 -23.41
C TRP E 141 -10.51 -18.26 -24.14
N LEU E 142 -9.42 -18.65 -23.48
CA LEU E 142 -8.43 -19.53 -24.11
C LEU E 142 -8.99 -20.92 -24.34
N THR E 143 -9.84 -21.40 -23.43
CA THR E 143 -10.43 -22.73 -23.60
C THR E 143 -11.47 -22.74 -24.72
N VAL E 144 -12.26 -21.68 -24.84
CA VAL E 144 -13.30 -21.67 -25.87
C VAL E 144 -12.80 -21.25 -27.23
N ILE E 145 -11.62 -20.63 -27.32
CA ILE E 145 -11.03 -20.36 -28.63
C ILE E 145 -10.17 -21.53 -29.10
N GLY E 146 -9.41 -22.14 -28.20
CA GLY E 146 -8.59 -23.28 -28.54
C GLY E 146 -9.33 -24.60 -28.61
N GLY E 147 -10.63 -24.60 -28.35
CA GLY E 147 -11.42 -25.81 -28.46
C GLY E 147 -12.03 -25.97 -29.84
N SER E 148 -12.13 -24.87 -30.58
CA SER E 148 -12.61 -24.93 -31.96
C SER E 148 -11.46 -25.09 -32.94
N ALA E 149 -10.59 -26.06 -32.67
CA ALA E 149 -9.46 -26.34 -33.54
C ALA E 149 -9.75 -27.26 -34.72
N PRO E 150 -10.56 -28.32 -34.57
CA PRO E 150 -10.84 -29.18 -35.72
C PRO E 150 -12.01 -28.73 -36.58
N ALA E 151 -12.48 -27.49 -36.44
CA ALA E 151 -13.50 -26.97 -37.33
C ALA E 151 -12.95 -26.59 -38.69
N VAL E 152 -11.63 -26.62 -38.87
CA VAL E 152 -10.99 -26.25 -40.13
C VAL E 152 -10.29 -27.45 -40.78
N PHE E 153 -10.59 -28.67 -40.31
CA PHE E 153 -10.01 -29.88 -40.85
C PHE E 153 -11.03 -30.75 -41.59
N VAL E 154 -12.15 -30.17 -42.01
CA VAL E 154 -13.20 -30.91 -42.69
C VAL E 154 -13.64 -30.11 -43.91
N GLN E 155 -14.23 -30.82 -44.88
CA GLN E 155 -14.75 -30.18 -46.08
C GLN E 155 -16.14 -29.63 -45.82
N SER E 156 -16.28 -28.31 -45.90
CA SER E 156 -17.54 -27.66 -45.56
C SER E 156 -18.49 -27.62 -46.76
N THR E 157 -18.07 -27.00 -47.85
CA THR E 157 -18.93 -26.84 -49.02
C THR E 157 -19.07 -28.18 -49.74
N HIS E 158 -20.31 -28.58 -50.01
CA HIS E 158 -20.58 -29.83 -50.70
C HIS E 158 -21.14 -29.56 -52.09
N ALA E 164 -25.51 -24.23 -59.59
CA ALA E 164 -24.67 -23.08 -59.28
C ALA E 164 -24.77 -22.72 -57.80
N SER E 165 -25.59 -23.47 -57.06
CA SER E 165 -25.79 -23.24 -55.64
C SER E 165 -24.89 -24.18 -54.86
N ARG E 166 -24.03 -23.61 -54.02
CA ARG E 166 -23.07 -24.37 -53.22
C ARG E 166 -23.38 -24.15 -51.75
N ALA E 167 -23.91 -25.19 -51.10
CA ALA E 167 -24.20 -25.16 -49.68
C ALA E 167 -22.94 -25.43 -48.87
N CYS E 168 -23.02 -25.15 -47.57
CA CYS E 168 -21.93 -25.49 -46.66
C CYS E 168 -22.49 -25.87 -45.30
N PHE E 169 -21.84 -26.84 -44.66
CA PHE E 169 -22.30 -27.43 -43.40
C PHE E 169 -23.71 -28.00 -43.48
N GLU E 170 -24.04 -28.58 -44.63
CA GLU E 170 -25.29 -29.29 -44.82
C GLU E 170 -25.02 -30.49 -45.71
N ASN E 171 -25.83 -31.54 -45.55
CA ASN E 171 -25.75 -32.74 -46.37
C ASN E 171 -24.36 -33.36 -46.33
N PHE E 172 -23.80 -33.48 -45.13
CA PHE E 172 -22.53 -34.17 -44.97
C PHE E 172 -22.68 -35.65 -45.33
N PRO E 173 -21.68 -36.26 -45.97
CA PRO E 173 -21.72 -37.70 -46.17
C PRO E 173 -21.68 -38.45 -44.86
N GLU E 174 -22.31 -39.63 -44.84
CA GLU E 174 -22.40 -40.42 -43.62
C GLU E 174 -21.05 -40.91 -43.13
N ALA E 175 -20.03 -40.94 -43.99
CA ALA E 175 -18.70 -41.35 -43.54
C ALA E 175 -18.12 -40.34 -42.57
N THR E 176 -18.31 -39.05 -42.84
CA THR E 176 -17.72 -38.00 -42.00
C THR E 176 -18.33 -38.00 -40.61
N TRP E 177 -19.64 -38.26 -40.50
CA TRP E 177 -20.32 -38.10 -39.22
C TRP E 177 -19.83 -39.09 -38.16
N LYS E 178 -19.22 -40.20 -38.58
CA LYS E 178 -18.76 -41.21 -37.64
C LYS E 178 -17.24 -41.31 -37.58
N THR E 179 -16.54 -40.29 -38.07
CA THR E 179 -15.08 -40.30 -38.02
C THR E 179 -14.50 -39.05 -37.37
N TYR E 180 -15.08 -37.89 -37.62
CA TYR E 180 -14.51 -36.64 -37.12
C TYR E 180 -15.49 -35.79 -36.34
N LEU E 181 -16.80 -35.89 -36.60
CA LEU E 181 -17.75 -34.98 -35.98
C LEU E 181 -18.30 -35.53 -34.67
N SER E 182 -18.50 -36.85 -34.59
CA SER E 182 -19.02 -37.45 -33.37
C SER E 182 -18.08 -37.22 -32.19
N ARG E 183 -16.77 -37.30 -32.44
CA ARG E 183 -15.79 -37.05 -31.38
C ARG E 183 -15.87 -35.61 -30.90
N ILE E 184 -16.02 -34.66 -31.82
CA ILE E 184 -16.17 -33.26 -31.44
C ILE E 184 -17.43 -33.06 -30.60
N VAL E 185 -18.52 -33.74 -30.97
CA VAL E 185 -19.75 -33.63 -30.20
C VAL E 185 -19.55 -34.18 -28.79
N ILE E 186 -18.83 -35.30 -28.67
CA ILE E 186 -18.55 -35.86 -27.35
C ILE E 186 -17.74 -34.88 -26.52
N PHE E 187 -16.70 -34.28 -27.11
CA PHE E 187 -15.86 -33.33 -26.39
C PHE E 187 -16.67 -32.13 -25.91
N ILE E 188 -17.50 -31.57 -26.80
CA ILE E 188 -18.32 -30.42 -26.44
C ILE E 188 -19.32 -30.78 -25.36
N GLU E 189 -19.92 -31.97 -25.44
CA GLU E 189 -20.94 -32.35 -24.48
C GLU E 189 -20.37 -32.81 -23.15
N ILE E 190 -19.07 -33.08 -23.07
CA ILE E 190 -18.46 -33.36 -21.78
C ILE E 190 -17.98 -32.08 -21.12
N VAL E 191 -17.15 -31.30 -21.84
CA VAL E 191 -16.47 -30.18 -21.20
C VAL E 191 -17.27 -28.89 -21.39
N GLY E 192 -18.49 -29.01 -21.91
CA GLY E 192 -19.25 -27.81 -22.20
C GLY E 192 -20.64 -27.73 -21.62
N PHE E 193 -21.25 -28.85 -21.26
CA PHE E 193 -22.61 -28.73 -20.73
C PHE E 193 -22.84 -29.43 -19.41
N PHE E 194 -22.26 -30.60 -19.19
CA PHE E 194 -22.62 -31.38 -18.01
C PHE E 194 -21.99 -30.80 -16.74
N ILE E 195 -20.70 -30.50 -16.78
CA ILE E 195 -20.04 -29.91 -15.61
C ILE E 195 -20.63 -28.55 -15.24
N PRO E 196 -20.83 -27.61 -16.17
CA PRO E 196 -21.50 -26.36 -15.78
C PRO E 196 -22.87 -26.58 -15.17
N LEU E 197 -23.66 -27.52 -15.70
CA LEU E 197 -24.97 -27.78 -15.14
C LEU E 197 -24.87 -28.28 -13.69
N ILE E 198 -23.96 -29.22 -13.45
CA ILE E 198 -23.81 -29.77 -12.11
C ILE E 198 -23.38 -28.68 -11.13
N LEU E 199 -22.36 -27.91 -11.51
CA LEU E 199 -21.87 -26.84 -10.63
C LEU E 199 -22.96 -25.84 -10.34
N ASN E 200 -23.66 -25.37 -11.38
CA ASN E 200 -24.69 -24.34 -11.19
C ASN E 200 -25.79 -24.84 -10.28
N VAL E 201 -26.31 -26.04 -10.55
CA VAL E 201 -27.42 -26.57 -9.76
C VAL E 201 -27.00 -26.75 -8.30
N THR E 202 -25.84 -27.37 -8.07
CA THR E 202 -25.42 -27.65 -6.70
C THR E 202 -25.20 -26.35 -5.91
N CYS E 203 -24.51 -25.38 -6.53
CA CYS E 203 -24.21 -24.14 -5.82
C CYS E 203 -25.48 -23.37 -5.51
N SER E 204 -26.38 -23.22 -6.49
CA SER E 204 -27.62 -22.50 -6.22
C SER E 204 -28.47 -23.23 -5.19
N SER E 205 -28.43 -24.57 -5.18
CA SER E 205 -29.16 -25.33 -4.17
C SER E 205 -28.63 -25.01 -2.77
N MET E 206 -27.31 -25.03 -2.59
CA MET E 206 -26.75 -24.74 -1.28
C MET E 206 -27.06 -23.31 -0.84
N VAL E 207 -26.97 -22.35 -1.75
CA VAL E 207 -27.24 -20.96 -1.39
C VAL E 207 -28.70 -20.79 -0.98
N LEU E 208 -29.62 -21.38 -1.76
CA LEU E 208 -31.03 -21.29 -1.42
C LEU E 208 -31.33 -21.95 -0.08
N LYS E 209 -30.70 -23.09 0.19
CA LYS E 209 -30.91 -23.76 1.47
C LYS E 209 -30.39 -22.91 2.63
N THR E 210 -29.23 -22.26 2.44
CA THR E 210 -28.68 -21.44 3.51
C THR E 210 -29.57 -20.23 3.80
N LEU E 211 -29.99 -19.50 2.76
CA LEU E 211 -30.77 -18.30 3.01
C LEU E 211 -32.18 -18.60 3.50
N THR E 212 -32.66 -19.83 3.39
CA THR E 212 -34.01 -20.19 3.83
C THR E 212 -33.92 -20.86 5.20
N LYS E 213 -33.74 -20.04 6.22
CA LYS E 213 -33.61 -20.53 7.59
C LYS E 213 -33.83 -19.40 8.57
N PRO E 214 -34.66 -19.58 9.61
CA PRO E 214 -34.87 -18.50 10.58
C PRO E 214 -33.70 -18.31 11.53
N VAL E 215 -32.48 -18.45 11.03
CA VAL E 215 -31.28 -18.24 11.84
C VAL E 215 -30.22 -17.36 11.17
N THR E 216 -30.27 -17.15 9.86
CA THR E 216 -29.12 -16.64 9.11
C THR E 216 -29.35 -15.23 8.57
N LEU E 217 -30.05 -14.38 9.30
CA LEU E 217 -30.04 -12.96 9.01
C LEU E 217 -30.32 -12.21 10.31
N SER E 218 -30.67 -10.94 10.20
CA SER E 218 -30.79 -10.01 11.33
C SER E 218 -32.24 -9.76 11.71
N ARG E 219 -33.08 -10.79 11.69
CA ARG E 219 -34.48 -10.70 12.11
C ARG E 219 -35.27 -9.75 11.20
N SER E 220 -35.38 -10.17 9.93
CA SER E 220 -36.07 -9.39 8.90
C SER E 220 -35.41 -8.03 8.69
N LYS E 221 -34.09 -8.05 8.52
CA LYS E 221 -33.35 -6.82 8.28
C LYS E 221 -33.71 -6.23 6.92
N ILE E 222 -33.75 -7.06 5.88
CA ILE E 222 -34.02 -6.61 4.53
C ILE E 222 -35.10 -7.49 3.91
N ASN E 223 -35.38 -7.26 2.64
CA ASN E 223 -36.38 -8.05 1.91
C ASN E 223 -35.66 -9.24 1.28
N LYS E 224 -35.60 -10.36 2.00
CA LYS E 224 -35.00 -11.56 1.46
C LYS E 224 -35.80 -12.18 0.33
N THR E 225 -37.09 -11.85 0.24
CA THR E 225 -37.94 -12.46 -0.77
C THR E 225 -37.48 -12.11 -2.17
N LYS E 226 -37.08 -10.85 -2.40
CA LYS E 226 -36.60 -10.46 -3.73
C LYS E 226 -35.33 -11.22 -4.10
N VAL E 227 -34.41 -11.37 -3.14
CA VAL E 227 -33.18 -12.12 -3.41
C VAL E 227 -33.51 -13.57 -3.75
N LEU E 228 -34.41 -14.19 -2.99
CA LEU E 228 -34.77 -15.57 -3.25
C LEU E 228 -35.42 -15.72 -4.62
N LYS E 229 -36.33 -14.80 -4.97
CA LYS E 229 -36.99 -14.89 -6.27
C LYS E 229 -36.00 -14.72 -7.41
N MET E 230 -35.06 -13.80 -7.27
CA MET E 230 -34.10 -13.57 -8.35
C MET E 230 -33.18 -14.78 -8.51
N ILE E 231 -32.68 -15.33 -7.41
CA ILE E 231 -31.82 -16.49 -7.48
C ILE E 231 -32.59 -17.71 -7.99
N PHE E 232 -33.91 -17.75 -7.81
CA PHE E 232 -34.69 -18.86 -8.32
C PHE E 232 -34.96 -18.73 -9.82
N VAL E 233 -35.19 -17.51 -10.31
CA VAL E 233 -35.42 -17.30 -11.73
C VAL E 233 -34.15 -17.52 -12.53
N HIS E 234 -32.99 -17.07 -12.00
CA HIS E 234 -31.73 -17.25 -12.69
C HIS E 234 -31.38 -18.71 -12.93
N LEU E 235 -31.99 -19.63 -12.18
CA LEU E 235 -31.76 -21.05 -12.38
C LEU E 235 -32.73 -21.66 -13.37
N ILE E 236 -34.00 -21.27 -13.33
CA ILE E 236 -34.99 -21.79 -14.28
C ILE E 236 -34.65 -21.37 -15.70
N ILE E 237 -34.26 -20.11 -15.90
CA ILE E 237 -33.96 -19.65 -17.25
C ILE E 237 -32.79 -20.44 -17.83
N PHE E 238 -31.72 -20.59 -17.06
CA PHE E 238 -30.55 -21.35 -17.50
C PHE E 238 -30.92 -22.80 -17.76
N CYS E 239 -31.70 -23.41 -16.88
CA CYS E 239 -32.00 -24.83 -16.98
C CYS E 239 -33.08 -25.14 -18.01
N PHE E 240 -33.72 -24.12 -18.58
CA PHE E 240 -34.70 -24.32 -19.64
C PHE E 240 -34.19 -23.96 -21.01
N CYS E 241 -33.36 -22.91 -21.14
CA CYS E 241 -32.94 -22.50 -22.47
C CYS E 241 -31.87 -23.38 -23.08
N PHE E 242 -31.25 -24.28 -22.33
CA PHE E 242 -30.05 -24.96 -22.79
C PHE E 242 -30.15 -26.48 -22.82
N VAL E 243 -30.85 -27.11 -21.88
CA VAL E 243 -30.86 -28.58 -21.81
C VAL E 243 -31.48 -29.22 -23.06
N PRO E 244 -32.65 -28.80 -23.55
CA PRO E 244 -33.23 -29.50 -24.71
C PRO E 244 -32.32 -29.56 -25.92
N TYR E 245 -31.59 -28.48 -26.21
CA TYR E 245 -30.73 -28.47 -27.39
C TYR E 245 -29.63 -29.51 -27.26
N ASN E 246 -29.00 -29.63 -26.09
CA ASN E 246 -27.91 -30.58 -25.94
C ASN E 246 -28.41 -32.02 -25.96
N ILE E 247 -29.56 -32.27 -25.33
CA ILE E 247 -30.12 -33.62 -25.38
C ILE E 247 -30.44 -34.00 -26.82
N ASN E 248 -31.05 -33.09 -27.57
CA ASN E 248 -31.41 -33.38 -28.95
C ASN E 248 -30.17 -33.48 -29.82
N LEU E 249 -29.10 -32.75 -29.49
CA LEU E 249 -27.85 -32.88 -30.23
C LEU E 249 -27.24 -34.26 -30.06
N ILE E 250 -27.27 -34.78 -28.81
CA ILE E 250 -26.79 -36.15 -28.58
C ILE E 250 -27.61 -37.13 -29.41
N LEU E 251 -28.94 -36.99 -29.36
CA LEU E 251 -29.79 -37.90 -30.12
C LEU E 251 -29.52 -37.80 -31.62
N TYR E 252 -29.33 -36.58 -32.12
CA TYR E 252 -29.09 -36.36 -33.55
C TYR E 252 -27.77 -37.00 -33.98
N SER E 253 -26.71 -36.82 -33.19
CA SER E 253 -25.43 -37.42 -33.53
C SER E 253 -25.50 -38.93 -33.43
N LEU E 254 -26.40 -39.47 -32.62
CA LEU E 254 -26.60 -40.91 -32.61
C LEU E 254 -27.35 -41.39 -33.85
N VAL E 255 -28.38 -40.64 -34.25
CA VAL E 255 -29.18 -41.03 -35.42
C VAL E 255 -28.34 -40.99 -36.69
N ARG E 256 -27.52 -39.95 -36.85
CA ARG E 256 -26.74 -39.81 -38.08
C ARG E 256 -25.64 -40.86 -38.20
N THR E 257 -25.37 -41.63 -37.14
CA THR E 257 -24.45 -42.74 -37.20
C THR E 257 -25.19 -44.07 -37.37
N GLN E 258 -26.50 -44.02 -37.61
CA GLN E 258 -27.33 -45.21 -37.82
C GLN E 258 -27.26 -46.16 -36.63
N THR E 259 -27.33 -45.58 -35.44
CA THR E 259 -27.41 -46.37 -34.20
C THR E 259 -28.84 -46.63 -33.77
N PHE E 260 -29.78 -45.78 -34.18
CA PHE E 260 -31.20 -46.02 -33.97
C PHE E 260 -31.83 -46.38 -35.31
N VAL E 261 -32.61 -47.47 -35.33
CA VAL E 261 -33.11 -48.03 -36.57
C VAL E 261 -34.59 -47.71 -36.76
N ASN E 262 -35.29 -47.45 -35.66
CA ASN E 262 -36.73 -47.21 -35.74
C ASN E 262 -37.02 -45.91 -36.48
N CYS E 263 -38.05 -45.94 -37.33
CA CYS E 263 -38.38 -44.79 -38.15
C CYS E 263 -39.09 -43.69 -37.35
N SER E 264 -39.90 -44.08 -36.36
CA SER E 264 -40.62 -43.07 -35.58
C SER E 264 -39.66 -42.15 -34.84
N VAL E 265 -38.69 -42.72 -34.12
CA VAL E 265 -37.75 -41.91 -33.37
C VAL E 265 -36.87 -41.09 -34.30
N VAL E 266 -36.50 -41.66 -35.45
CA VAL E 266 -35.66 -40.92 -36.40
C VAL E 266 -36.40 -39.70 -36.92
N ALA E 267 -37.65 -39.88 -37.33
CA ALA E 267 -38.44 -38.77 -37.82
C ALA E 267 -38.67 -37.73 -36.73
N ALA E 268 -38.94 -38.18 -35.50
CA ALA E 268 -39.16 -37.26 -34.40
C ALA E 268 -37.92 -36.42 -34.15
N VAL E 269 -36.74 -37.06 -34.11
CA VAL E 269 -35.50 -36.33 -33.86
C VAL E 269 -35.26 -35.31 -34.97
N ARG E 270 -35.43 -35.74 -36.23
CA ARG E 270 -35.15 -34.86 -37.36
C ARG E 270 -36.09 -33.66 -37.38
N THR E 271 -37.37 -33.87 -37.07
CA THR E 271 -38.32 -32.76 -37.08
C THR E 271 -38.27 -31.94 -35.80
N MET E 272 -37.63 -32.44 -34.74
CA MET E 272 -37.52 -31.67 -33.50
C MET E 272 -36.25 -30.86 -33.42
N TYR E 273 -35.19 -31.27 -34.12
CA TYR E 273 -33.93 -30.53 -34.08
C TYR E 273 -34.08 -29.06 -34.46
N PRO E 274 -34.82 -28.67 -35.51
CA PRO E 274 -34.96 -27.24 -35.80
C PRO E 274 -35.82 -26.49 -34.79
N ILE E 275 -36.70 -27.16 -34.06
CA ILE E 275 -37.53 -26.46 -33.08
C ILE E 275 -36.73 -25.97 -31.90
N THR E 276 -35.85 -26.82 -31.36
CA THR E 276 -34.75 -26.36 -30.54
C THR E 276 -33.64 -25.79 -31.44
N LEU E 277 -32.65 -25.16 -30.82
CA LEU E 277 -31.69 -24.25 -31.44
C LEU E 277 -32.35 -22.92 -31.80
N CYS E 278 -33.67 -22.83 -31.63
CA CYS E 278 -34.38 -21.55 -31.68
C CYS E 278 -34.65 -21.00 -30.30
N ILE E 279 -34.86 -21.86 -29.31
CA ILE E 279 -34.94 -21.43 -27.93
C ILE E 279 -33.57 -21.00 -27.43
N ALA E 280 -32.53 -21.79 -27.75
CA ALA E 280 -31.20 -21.55 -27.20
C ALA E 280 -30.58 -20.27 -27.73
N VAL E 281 -30.94 -19.85 -28.94
CA VAL E 281 -30.44 -18.58 -29.46
C VAL E 281 -31.07 -17.41 -28.71
N SER E 282 -32.36 -17.53 -28.39
CA SER E 282 -33.10 -16.50 -27.66
C SER E 282 -32.49 -16.16 -26.31
N ASN E 283 -31.56 -16.98 -25.81
CA ASN E 283 -30.84 -16.63 -24.59
C ASN E 283 -30.00 -15.37 -24.74
N CYS E 284 -29.74 -14.93 -25.97
CA CYS E 284 -28.98 -13.72 -26.20
C CYS E 284 -29.72 -12.47 -25.72
N CYS E 285 -31.04 -12.50 -25.65
CA CYS E 285 -31.84 -11.34 -25.26
C CYS E 285 -32.56 -11.53 -23.93
N PHE E 286 -32.28 -12.60 -23.19
CA PHE E 286 -32.76 -12.76 -21.83
C PHE E 286 -31.73 -12.27 -20.81
N ASP E 287 -30.45 -12.54 -21.08
CA ASP E 287 -29.40 -12.23 -20.12
C ASP E 287 -29.31 -10.75 -19.78
N PRO E 288 -29.28 -9.82 -20.73
CA PRO E 288 -29.14 -8.40 -20.37
C PRO E 288 -30.36 -7.81 -19.69
N ILE E 289 -31.44 -8.57 -19.52
CA ILE E 289 -32.64 -8.08 -18.88
C ILE E 289 -32.81 -8.64 -17.47
N VAL E 290 -32.38 -9.87 -17.21
CA VAL E 290 -32.59 -10.50 -15.93
C VAL E 290 -31.40 -10.31 -15.00
N TYR E 291 -30.18 -10.30 -15.53
CA TYR E 291 -29.00 -10.11 -14.68
C TYR E 291 -28.81 -8.64 -14.33
N TYR E 292 -28.85 -7.77 -15.32
CA TYR E 292 -28.95 -6.32 -15.10
C TYR E 292 -30.11 -5.71 -15.86
N PHE E 293 -30.51 -4.51 -15.41
CA PHE E 293 -31.81 -3.89 -15.66
C PHE E 293 -32.85 -4.52 -14.74
N THR E 294 -32.41 -5.18 -13.68
CA THR E 294 -33.24 -5.67 -12.59
C THR E 294 -32.64 -5.49 -11.21
N SER E 295 -31.32 -5.39 -11.11
CA SER E 295 -30.67 -5.12 -9.83
C SER E 295 -30.78 -3.64 -9.48
N ASP E 296 -31.05 -3.36 -8.21
CA ASP E 296 -31.29 -1.98 -7.78
C ASP E 296 -30.06 -1.11 -7.88
N THR E 297 -28.87 -1.66 -7.67
CA THR E 297 -27.66 -0.84 -7.68
C THR E 297 -27.35 -0.29 -9.07
N ILE E 298 -27.72 -1.02 -10.12
CA ILE E 298 -27.50 -0.57 -11.48
C ILE E 298 -28.80 0.01 -12.06
N GLN E 299 -29.80 0.18 -11.21
CA GLN E 299 -31.03 0.87 -11.55
C GLN E 299 -31.02 2.29 -10.99
N ASN E 300 -29.83 2.90 -11.00
CA ASN E 300 -29.64 4.27 -10.54
C ASN E 300 -29.62 5.24 -11.71
N SER E 301 -29.89 4.75 -12.91
CA SER E 301 -29.90 5.59 -14.10
C SER E 301 -30.77 4.96 -15.20
OAA NKP F . -26.91 -31.63 -42.57
OAB NKP F . -25.10 -33.33 -41.83
PAC NKP F . -26.40 -32.60 -41.56
OAD NKP F . -27.43 -33.40 -40.77
OAE NKP F . -24.46 -27.60 -36.55
OAF NKP F . -25.90 -31.51 -40.18
CAG NKP F . -26.38 -30.27 -40.09
CAH NKP F . -25.46 -29.54 -39.04
CAI NKP F . -25.24 -30.47 -37.84
OAJ NKP F . -25.29 -29.66 -36.65
CAK NKP F . -24.28 -28.82 -36.48
CAL NKP F . -22.93 -29.40 -36.20
CAM NKP F . -23.03 -30.38 -35.03
CAN NKP F . -21.91 -30.18 -34.02
CAO NKP F . -20.59 -29.97 -34.74
CAP NKP F . -19.89 -28.72 -34.22
CAQ NKP F . -19.03 -28.10 -35.30
CAR NKP F . -18.61 -26.69 -34.90
CAS NKP F . -17.12 -26.60 -34.86
CAT NKP F . -16.48 -26.47 -33.71
CAU NKP F . -17.23 -26.41 -32.42
CAV NKP F . -16.51 -25.50 -31.45
CAW NKP F . -17.08 -25.67 -30.05
CAX NKP F . -16.28 -24.87 -29.04
CAY NKP F . -16.87 -25.01 -27.66
CAZ NKP F . -15.77 -24.99 -26.61
CBA NKP F . -15.83 -26.25 -25.77
CBB NKP F . -14.85 -26.16 -24.61
OBC NKP F . -24.23 -29.17 -39.57
C1 CLR G . -14.47 -23.56 0.17
C2 CLR G . -14.14 -23.32 1.65
C3 CLR G . -13.62 -24.57 2.31
C4 CLR G . -12.40 -25.07 1.57
C5 CLR G . -12.67 -25.29 0.09
C6 CLR G . -12.37 -26.45 -0.48
C7 CLR G . -12.54 -26.77 -1.93
C8 CLR G . -12.88 -25.53 -2.78
C9 CLR G . -13.86 -24.63 -2.03
C10 CLR G . -13.31 -24.12 -0.66
C11 CLR G . -14.38 -23.49 -2.91
C12 CLR G . -14.92 -23.95 -4.26
C13 CLR G . -13.89 -24.79 -5.02
C14 CLR G . -13.49 -25.96 -4.10
C15 CLR G . -12.73 -26.92 -5.01
C16 CLR G . -13.41 -26.76 -6.38
C17 CLR G . -14.41 -25.59 -6.26
C18 CLR G . -12.69 -23.92 -5.43
C19 CLR G . -12.23 -23.04 -0.86
C20 CLR G . -14.63 -24.86 -7.60
C21 CLR G . -15.72 -23.80 -7.53
C22 CLR G . -14.93 -25.87 -8.71
C23 CLR G . -13.73 -26.39 -9.45
C24 CLR G . -14.09 -27.25 -10.64
C25 CLR G . -12.91 -27.94 -11.34
C26 CLR G . -11.86 -26.93 -11.77
C27 CLR G . -13.38 -28.76 -12.53
O1 CLR G . -13.28 -24.29 3.68
C1 CLR H . -15.12 -17.51 -8.75
C2 CLR H . -14.52 -16.14 -8.50
C3 CLR H . -13.39 -16.25 -7.48
C4 CLR H . -12.32 -17.25 -7.98
C5 CLR H . -12.95 -18.54 -8.41
C6 CLR H . -12.26 -19.65 -8.22
C7 CLR H . -12.61 -20.93 -8.91
C8 CLR H . -13.49 -20.65 -10.13
C9 CLR H . -14.65 -19.74 -9.73
C10 CLR H . -14.06 -18.39 -9.38
C11 CLR H . -15.65 -19.58 -10.89
C12 CLR H . -16.10 -20.89 -11.50
C13 CLR H . -14.89 -21.70 -11.95
C14 CLR H . -14.04 -21.96 -10.70
C15 CLR H . -13.02 -22.97 -11.21
C16 CLR H . -13.89 -23.91 -12.04
C17 CLR H . -15.18 -23.15 -12.41
C18 CLR H . -14.04 -20.96 -13.00
C19 CLR H . -13.52 -17.75 -10.65
C20 CLR H . -15.50 -23.37 -13.92
C21 CLR H . -16.77 -22.66 -14.38
C22 CLR H . -15.68 -24.85 -14.15
C23 CLR H . -15.07 -25.26 -15.48
C24 CLR H . -15.22 -26.76 -15.65
C25 CLR H . -14.62 -27.23 -16.97
C26 CLR H . -15.29 -26.51 -18.11
C27 CLR H . -14.80 -28.72 -17.11
O1 CLR H . -12.84 -14.98 -7.37
C1 CLR I . -13.19 -7.75 -23.28
C2 CLR I . -12.98 -6.81 -22.12
C3 CLR I . -12.26 -7.55 -21.00
C4 CLR I . -10.87 -7.94 -21.52
C5 CLR I . -11.01 -8.78 -22.73
C6 CLR I . -10.23 -9.84 -22.85
C7 CLR I . -10.27 -10.76 -24.01
C8 CLR I . -10.77 -10.01 -25.25
C9 CLR I . -12.09 -9.28 -24.94
C10 CLR I . -11.84 -8.21 -23.85
C11 CLR I . -12.68 -8.65 -26.19
C12 CLR I . -12.93 -9.68 -27.26
C13 CLR I . -11.61 -10.34 -27.63
C14 CLR I . -11.03 -11.01 -26.36
C15 CLR I . -9.82 -11.77 -26.91
C16 CLR I . -10.35 -12.33 -28.24
C17 CLR I . -11.67 -11.57 -28.57
C18 CLR I . -10.60 -9.32 -28.18
C19 CLR I . -11.10 -7.02 -24.45
C20 CLR I . -11.76 -11.27 -30.06
C21 CLR I . -13.18 -10.86 -30.46
C22 CLR I . -11.29 -12.49 -30.86
C23 CLR I . -12.06 -12.58 -32.18
C24 CLR I . -12.10 -14.02 -32.65
C25 CLR I . -11.18 -14.21 -33.85
C26 CLR I . -11.93 -13.85 -35.14
C27 CLR I . -10.68 -15.65 -33.93
O1 CLR I . -12.13 -6.66 -19.94
C1 PLM J . -4.47 -17.96 -8.62
O1 PLM J . -3.54 -17.15 -8.80
O2 PLM J . -4.82 -18.36 -7.48
C2 PLM J . -5.20 -18.51 -9.82
C3 PLM J . -6.68 -18.65 -9.65
C4 PLM J . -7.06 -20.01 -9.08
C5 PLM J . -7.87 -20.87 -10.02
C6 PLM J . -7.76 -20.47 -11.48
C7 PLM J . -7.86 -21.62 -12.45
C8 PLM J . -9.00 -21.49 -13.44
C9 PLM J . -8.81 -22.31 -14.69
CA PLM J . -9.56 -23.63 -14.69
CB PLM J . -11.04 -23.50 -15.01
CC PLM J . -11.32 -22.69 -16.25
CD PLM J . -10.95 -23.38 -17.54
CE PLM J . -11.99 -24.36 -18.04
CF PLM J . -11.41 -25.60 -18.67
CG PLM J . -12.36 -26.31 -19.61
#